data_8Z6X
#
_entry.id   8Z6X
#
_cell.length_a   1.00
_cell.length_b   1.00
_cell.length_c   1.00
_cell.angle_alpha   90.00
_cell.angle_beta   90.00
_cell.angle_gamma   90.00
#
_symmetry.space_group_name_H-M   'P 1'
#
loop_
_entity.id
_entity.type
_entity.pdbx_description
1 polymer 'Spike glycoprotein,Fibritin,Expression Tag'
2 polymer 'CYFN1006-2 light chain'
3 polymer 'CYFN1006-2 heavy chain'
#
loop_
_entity_poly.entity_id
_entity_poly.type
_entity_poly.pdbx_seq_one_letter_code
_entity_poly.pdbx_strand_id
1 'polypeptide(L)'
;MPMGSLQPLATLYLLGMLVASVLAQCVNLITRTQSYTNSFTRGVYYPDKVFRSSVLHSTHDLFLPFFSNVTWFHAIHVSG
TNGTKRFDNPALPFNDGVYFASTEKSNIIRGWIFGTTLDSKTQSLLIVNNATNVVIKVCEFQFCNDPFLDVYQKNNKSWM
ESEFRVYSSANNCTFEYVSQPFLMDLEGKEGNFKNLREFVFKNIDGYFKIYSKHTPINLERDLPQGFSALEPLVDLPIGI
NITRFQTLLALHRSYLTPVDSSSGWTAGAAAYYVGYLQPRTFLLKYNENGTITDAVDCALDPLSETKCTLKSFTVEKGIY
QTSNFRVQPTESIVRFPNITNLCPFHEVFNATTFASVYAWNRKRISNCVADYSVIYNFAPFFAFKCYGVSPTKLNDLCFT
NVYADSFVIRGNEVSQIAPGQTGNIADYNYKLPDDFTGCVIAWNSNKLDSKPSGNYNYLYRLLRKSKLKPFERDISTEIY
QAGNKPCNGVAGPNCYSPLQSYGFRPTYGVGHQPYRVVVLSFELLHAPATVCGPKKSTNLVKNKCVNFNFNGLTGTGVLT
ESNKKFLPFQQFGRDIADTTDAVRDPQTLEILDITPCSFGGVSVITPGTNTSNQVAVLYQGVNCTEVPVAIHADQLTPTW
RVYSTGSNVFQTRAGCLIGAEYVNNSYECDIPIGAGICASYQTQTKSHGSASSVASQSIIAYTMSLGAENSVAYSNNSIA
IPTNFTISVTTEILPVSMTKTSVDCTMYICGDSTECSNLLLQYGSFCTQLKRALTGIAVEQDKNTQEVFAQVKQIYKTPP
IKYFGGFNFSQILPDPSKPSKRSPIEDLLFNKVTLADAGFIKQYGDCLGDIAARDLICAQKFNGLTVLPPLLTDEMIAQY
TSALLAGTITSGWTFGAGPALQIPFPMQMAYRFNGIGVTQNVLYENQKLIANQFNSAIGKIQDSLSSTPSALGKLQDVVN
HNAQALNTLVKQLSSKFGAISSVLNDILSRLDPPEAEVQIDRLITGRLQSLQTYVTQQLIRAAEIRASANLAATKMSECV
LGQSKRVDFCGKGYHLMSFPQSAPHGVVFLHVTYVPAQEKNFTTAPAICHDGKAHFPREGVFVSNGTHWFVTQRNFYEPQ
IITTDNTFVSGNCDVVIGIVNNTVYDPLQPELDSFKEELDKYFKNHTSPDVDLGDISGINASVVNIQKEIDRLNEVAKNL
NESLIDLQELGKYEQGSGYIPEAPRDGQAYVRKDGEWVFLSTFLSGLEVLFQGPGGWSHPQFEKGGGSGGGSGGSAWSHP
QFEKGGSHHHHHHHH
;
A
2 'polypeptide(L)'
;QSALTQPPSASGSPGQSVTISCTGASSDVGGYNYVSWYQQHPGKAPKLMIYEVNKRPSGVPDRFSGSKSGNTASLTISGL
QADDEADYYCCSYALSRVVFGGGTMLTVLGQPKAAPSVTLFPPSSEELQANKATLVCLISDFYPGAVTVAWKADSSPVKA
GVETTTPSKQSNNKYAASSYLSLTPEQWKSHRSYSCQVTHEGSTVEKTVAPTECS
;
C
3 'polypeptide(L)'
;QMQLVQSGAEVKKPGESLKISCKGSGYTFSYYWIGWVRQMPGKGLEWMGIIYPGDSDTRYSPSFQGQVTISADKSISTAY
LHWSSLKASDTAMYYCARQGDLGDWILLGYWGQGTLVTVSSASTKGPSVFPLAPSSKSTSGGTAALGCLVKDYFPEPVTV
SWNSGALTSGVHTFPAVLQSSGLYSLSSVVTVPSSSLGTQTYICNVNHKPSNTKVDKKVEPKSCDKTHTCPPCPAPELLG
GPSVFLFPPKPKDTLMISRTPEVTCVVVDVSHEDPEVKFNWYVDGVEVHNAKTKPREEQYNSTYRVVSVLTVLHQDWLNG
KEYKCKVSNKALPAPIEKTISKAKGQPREPQVYTLPPSRDELTKNQVSLTCLVKGFYPSDIAVEWESNGQPENNYKTTPP
VLDSDGSFFLYSKLTVDKSRWQQGNVFSCSVMHEALHNHYTQKSLSLSPGK
;
B
#
# COMPACT_ATOMS: atom_id res chain seq x y z
N THR A 340 -30.03 -20.35 -2.57
CA THR A 340 -28.96 -21.07 -3.29
C THR A 340 -27.95 -20.07 -3.89
N ASN A 341 -27.16 -20.53 -4.86
CA ASN A 341 -26.05 -19.74 -5.37
C ASN A 341 -26.54 -18.40 -5.93
N LEU A 342 -25.73 -17.38 -5.75
CA LEU A 342 -25.98 -16.06 -6.32
C LEU A 342 -25.28 -15.93 -7.67
N CYS A 343 -25.56 -14.82 -8.35
CA CYS A 343 -25.06 -14.62 -9.69
C CYS A 343 -23.78 -13.80 -9.69
N PRO A 344 -22.94 -13.93 -10.74
CA PRO A 344 -21.66 -13.22 -10.75
C PRO A 344 -21.76 -11.77 -11.21
N PHE A 345 -22.96 -11.20 -11.19
CA PHE A 345 -23.14 -9.84 -11.69
C PHE A 345 -22.08 -8.87 -11.15
N HIS A 346 -21.53 -9.15 -9.97
CA HIS A 346 -20.49 -8.28 -9.42
C HIS A 346 -19.20 -8.34 -10.22
N GLU A 347 -19.03 -9.37 -11.07
CA GLU A 347 -17.81 -9.48 -11.87
C GLU A 347 -17.83 -8.58 -13.09
N VAL A 348 -19.00 -8.16 -13.54
CA VAL A 348 -19.11 -7.34 -14.74
C VAL A 348 -19.42 -5.87 -14.41
N PHE A 349 -20.16 -5.60 -13.34
CA PHE A 349 -20.52 -4.23 -12.99
C PHE A 349 -19.50 -3.58 -12.07
N ASN A 350 -18.94 -4.33 -11.11
CA ASN A 350 -17.93 -3.82 -10.19
C ASN A 350 -16.51 -4.11 -10.68
N ALA A 351 -16.32 -4.19 -11.99
CA ALA A 351 -15.00 -4.47 -12.55
C ALA A 351 -14.23 -3.17 -12.78
N THR A 352 -12.92 -3.31 -12.92
CA THR A 352 -12.06 -2.14 -13.16
C THR A 352 -12.05 -1.75 -14.63
N THR A 353 -11.91 -2.73 -15.52
CA THR A 353 -11.78 -2.48 -16.95
C THR A 353 -12.70 -3.40 -17.73
N PHE A 354 -13.17 -2.89 -18.87
CA PHE A 354 -13.95 -3.66 -19.81
C PHE A 354 -13.14 -3.96 -21.06
N ALA A 355 -13.59 -4.94 -21.82
CA ALA A 355 -12.94 -5.29 -23.07
C ALA A 355 -13.32 -4.28 -24.16
N SER A 356 -12.57 -4.33 -25.26
CA SER A 356 -12.84 -3.45 -26.38
C SER A 356 -14.11 -3.90 -27.10
N VAL A 357 -14.46 -3.16 -28.15
CA VAL A 357 -15.69 -3.48 -28.89
C VAL A 357 -15.47 -4.67 -29.81
N TYR A 358 -14.35 -4.69 -30.54
CA TYR A 358 -14.07 -5.80 -31.44
C TYR A 358 -13.83 -7.10 -30.69
N ALA A 359 -13.48 -7.03 -29.41
CA ALA A 359 -13.23 -8.19 -28.58
C ALA A 359 -14.20 -8.24 -27.39
N TRP A 360 -15.46 -7.92 -27.65
CA TRP A 360 -16.46 -7.89 -26.59
C TRP A 360 -16.50 -9.24 -25.88
N ASN A 361 -16.38 -9.20 -24.55
CA ASN A 361 -16.31 -10.41 -23.74
C ASN A 361 -17.72 -10.86 -23.36
N ARG A 362 -18.00 -12.13 -23.57
CA ARG A 362 -19.29 -12.73 -23.20
C ARG A 362 -19.13 -13.52 -21.91
N LYS A 363 -20.01 -13.27 -20.96
CA LYS A 363 -19.97 -13.88 -19.64
C LYS A 363 -21.16 -14.83 -19.52
N ARG A 364 -20.87 -16.12 -19.36
CA ARG A 364 -21.93 -17.12 -19.24
C ARG A 364 -22.47 -17.13 -17.82
N ILE A 365 -23.80 -17.09 -17.71
CA ILE A 365 -24.49 -17.11 -16.43
C ILE A 365 -25.38 -18.35 -16.39
N SER A 366 -25.22 -19.14 -15.34
CA SER A 366 -26.00 -20.37 -15.20
C SER A 366 -25.89 -20.86 -13.76
N ASN A 367 -26.96 -21.50 -13.29
CA ASN A 367 -27.04 -22.01 -11.92
C ASN A 367 -26.88 -20.87 -10.92
N CYS A 368 -27.77 -19.89 -11.05
CA CYS A 368 -27.74 -18.71 -10.18
C CYS A 368 -29.16 -18.22 -9.96
N VAL A 369 -29.34 -17.48 -8.87
CA VAL A 369 -30.58 -16.76 -8.59
C VAL A 369 -30.28 -15.28 -8.85
N ALA A 370 -30.77 -14.77 -9.97
CA ALA A 370 -30.43 -13.43 -10.42
C ALA A 370 -31.33 -12.42 -9.72
N ASP A 371 -30.74 -11.64 -8.81
CA ASP A 371 -31.43 -10.51 -8.16
C ASP A 371 -30.99 -9.26 -8.91
N TYR A 372 -31.76 -8.87 -9.91
CA TYR A 372 -31.41 -7.73 -10.74
C TYR A 372 -31.55 -6.41 -10.01
N SER A 373 -32.08 -6.40 -8.78
CA SER A 373 -32.13 -5.17 -8.00
C SER A 373 -30.73 -4.65 -7.71
N VAL A 374 -29.73 -5.53 -7.69
CA VAL A 374 -28.36 -5.10 -7.46
C VAL A 374 -27.87 -4.18 -8.56
N ILE A 375 -28.56 -4.14 -9.69
CA ILE A 375 -28.15 -3.25 -10.78
C ILE A 375 -28.80 -1.88 -10.66
N TYR A 376 -29.98 -1.80 -10.05
CA TYR A 376 -30.66 -0.51 -9.93
C TYR A 376 -29.92 0.43 -9.00
N ASN A 377 -29.21 -0.10 -8.02
CA ASN A 377 -28.50 0.74 -7.05
C ASN A 377 -27.25 1.38 -7.64
N PHE A 378 -26.87 1.05 -8.86
CA PHE A 378 -25.74 1.69 -9.50
C PHE A 378 -26.14 3.08 -10.00
N ALA A 379 -25.18 3.80 -10.56
CA ALA A 379 -25.41 5.15 -11.05
C ALA A 379 -26.59 5.17 -12.00
N PRO A 380 -27.35 6.27 -12.08
CA PRO A 380 -28.46 6.32 -13.03
C PRO A 380 -27.97 6.11 -14.46
N PHE A 381 -28.40 5.00 -15.06
CA PHE A 381 -27.88 4.64 -16.38
C PHE A 381 -28.42 5.58 -17.44
N PHE A 382 -27.57 5.89 -18.43
CA PHE A 382 -28.02 6.66 -19.58
C PHE A 382 -29.08 5.90 -20.36
N ALA A 383 -29.06 4.57 -20.31
CA ALA A 383 -30.01 3.77 -21.07
C ALA A 383 -30.16 2.42 -20.37
N PHE A 384 -31.32 2.18 -19.78
CA PHE A 384 -31.71 0.87 -19.27
C PHE A 384 -32.97 0.48 -20.03
N LYS A 385 -32.78 -0.12 -21.20
CA LYS A 385 -33.86 -0.39 -22.14
C LYS A 385 -33.93 -1.89 -22.39
N CYS A 386 -35.08 -2.49 -22.07
CA CYS A 386 -35.35 -3.89 -22.33
C CYS A 386 -36.31 -3.98 -23.51
N TYR A 387 -36.00 -4.86 -24.47
CA TYR A 387 -36.73 -4.93 -25.72
C TYR A 387 -37.78 -6.04 -25.76
N GLY A 388 -37.77 -6.95 -24.79
CA GLY A 388 -38.72 -8.05 -24.80
C GLY A 388 -39.51 -8.18 -23.51
N VAL A 389 -39.04 -7.52 -22.45
CA VAL A 389 -39.66 -7.57 -21.14
C VAL A 389 -39.45 -6.22 -20.44
N SER A 390 -40.07 -6.06 -19.28
CA SER A 390 -39.85 -4.87 -18.49
C SER A 390 -38.76 -5.10 -17.45
N PRO A 391 -37.88 -4.13 -17.22
CA PRO A 391 -36.75 -4.39 -16.30
C PRO A 391 -37.18 -4.73 -14.89
N THR A 392 -38.37 -4.33 -14.47
CA THR A 392 -38.85 -4.60 -13.12
C THR A 392 -39.48 -5.98 -12.98
N LYS A 393 -39.66 -6.72 -14.08
CA LYS A 393 -40.28 -8.03 -14.06
C LYS A 393 -39.28 -9.17 -14.15
N LEU A 394 -37.98 -8.86 -14.22
CA LEU A 394 -36.98 -9.91 -14.40
C LEU A 394 -36.92 -10.83 -13.18
N ASN A 395 -37.04 -10.27 -11.98
CA ASN A 395 -36.92 -11.06 -10.76
C ASN A 395 -38.03 -12.10 -10.62
N ASP A 396 -39.09 -12.02 -11.42
CA ASP A 396 -40.21 -12.94 -11.31
C ASP A 396 -40.22 -13.99 -12.43
N LEU A 397 -39.22 -14.01 -13.28
CA LEU A 397 -39.17 -14.91 -14.44
C LEU A 397 -37.99 -15.86 -14.34
N CYS A 398 -38.03 -16.89 -15.17
CA CYS A 398 -36.95 -17.86 -15.31
C CYS A 398 -36.35 -17.76 -16.70
N PHE A 399 -35.04 -17.94 -16.79
CA PHE A 399 -34.32 -17.83 -18.05
C PHE A 399 -33.52 -19.10 -18.29
N THR A 400 -33.43 -19.50 -19.57
CA THR A 400 -32.75 -20.73 -19.92
C THR A 400 -31.25 -20.52 -20.00
N ASN A 401 -30.79 -19.65 -20.91
CA ASN A 401 -29.38 -19.36 -21.10
C ASN A 401 -29.22 -17.86 -21.19
N VAL A 402 -28.56 -17.27 -20.19
CA VAL A 402 -28.38 -15.82 -20.10
C VAL A 402 -26.89 -15.52 -20.23
N TYR A 403 -26.55 -14.65 -21.17
CA TYR A 403 -25.17 -14.26 -21.42
C TYR A 403 -25.06 -12.74 -21.37
N ALA A 404 -23.97 -12.26 -20.77
CA ALA A 404 -23.71 -10.84 -20.60
C ALA A 404 -22.52 -10.43 -21.44
N ASP A 405 -22.69 -9.38 -22.24
CA ASP A 405 -21.64 -8.85 -23.09
C ASP A 405 -21.21 -7.48 -22.58
N SER A 406 -19.91 -7.22 -22.63
CA SER A 406 -19.32 -6.00 -22.09
C SER A 406 -18.40 -5.36 -23.11
N PHE A 407 -18.45 -4.03 -23.19
CA PHE A 407 -17.58 -3.27 -24.08
C PHE A 407 -17.78 -1.79 -23.79
N VAL A 408 -16.92 -0.97 -24.40
CA VAL A 408 -16.93 0.48 -24.20
C VAL A 408 -16.95 1.16 -25.56
N ILE A 409 -17.69 2.27 -25.66
CA ILE A 409 -17.80 3.04 -26.89
C ILE A 409 -17.77 4.52 -26.55
N ARG A 410 -17.71 5.35 -27.58
CA ARG A 410 -17.53 6.79 -27.43
C ARG A 410 -18.80 7.51 -26.98
N GLY A 411 -19.85 6.79 -26.62
CA GLY A 411 -21.06 7.41 -26.11
C GLY A 411 -22.12 7.68 -27.16
N ASN A 412 -21.79 8.51 -28.16
CA ASN A 412 -22.75 8.77 -29.22
C ASN A 412 -23.06 7.52 -30.05
N GLU A 413 -22.31 6.43 -29.85
CA GLU A 413 -22.55 5.18 -30.54
C GLU A 413 -23.55 4.28 -29.82
N VAL A 414 -24.01 4.67 -28.62
CA VAL A 414 -24.99 3.84 -27.91
C VAL A 414 -26.25 3.69 -28.74
N SER A 415 -26.57 4.68 -29.57
CA SER A 415 -27.70 4.56 -30.47
C SER A 415 -27.53 3.42 -31.46
N GLN A 416 -26.30 3.00 -31.72
CA GLN A 416 -26.04 1.89 -32.63
C GLN A 416 -26.19 0.54 -31.96
N ILE A 417 -26.15 0.48 -30.64
CA ILE A 417 -26.28 -0.79 -29.91
C ILE A 417 -27.78 -0.99 -29.69
N ALA A 418 -28.43 -1.54 -30.70
CA ALA A 418 -29.85 -1.83 -30.67
C ALA A 418 -30.22 -2.58 -31.95
N PRO A 419 -31.34 -3.32 -31.93
CA PRO A 419 -31.72 -4.06 -33.12
C PRO A 419 -31.97 -3.15 -34.32
N GLY A 420 -31.51 -3.58 -35.49
CA GLY A 420 -31.77 -2.88 -36.72
C GLY A 420 -30.94 -1.64 -36.95
N GLN A 421 -29.95 -1.37 -36.11
CA GLN A 421 -29.13 -0.18 -36.26
C GLN A 421 -27.98 -0.45 -37.23
N THR A 422 -27.40 0.65 -37.74
CA THR A 422 -26.30 0.57 -38.68
C THR A 422 -25.24 1.60 -38.29
N GLY A 423 -24.01 1.30 -38.64
CA GLY A 423 -22.89 2.17 -38.32
C GLY A 423 -21.63 1.35 -38.13
N ASN A 424 -20.56 2.07 -37.80
CA ASN A 424 -19.26 1.43 -37.60
C ASN A 424 -19.38 0.28 -36.60
N ILE A 425 -19.87 0.58 -35.39
CA ILE A 425 -19.97 -0.44 -34.36
C ILE A 425 -20.93 -1.54 -34.79
N ALA A 426 -22.18 -1.16 -35.06
CA ALA A 426 -23.20 -2.16 -35.37
C ALA A 426 -22.79 -3.06 -36.53
N ASP A 427 -22.03 -2.53 -37.49
CA ASP A 427 -21.72 -3.27 -38.70
C ASP A 427 -20.42 -4.07 -38.60
N TYR A 428 -19.46 -3.62 -37.78
CA TYR A 428 -18.13 -4.20 -37.79
C TYR A 428 -17.69 -4.81 -36.47
N ASN A 429 -18.26 -4.41 -35.34
CA ASN A 429 -17.80 -4.87 -34.03
C ASN A 429 -18.85 -5.68 -33.28
N TYR A 430 -20.06 -5.13 -33.11
CA TYR A 430 -21.08 -5.81 -32.32
C TYR A 430 -22.43 -5.59 -32.98
N LYS A 431 -23.04 -6.68 -33.45
CA LYS A 431 -24.33 -6.63 -34.12
C LYS A 431 -25.38 -7.32 -33.26
N LEU A 432 -26.52 -6.67 -33.08
CA LEU A 432 -27.63 -7.26 -32.36
C LEU A 432 -28.70 -7.74 -33.32
N PRO A 433 -29.30 -8.90 -33.11
CA PRO A 433 -30.32 -9.39 -34.04
C PRO A 433 -31.62 -8.61 -33.91
N ASP A 434 -32.42 -8.66 -34.97
CA ASP A 434 -33.71 -8.00 -34.96
C ASP A 434 -34.66 -8.65 -33.96
N ASP A 435 -34.49 -9.94 -33.71
CA ASP A 435 -35.30 -10.67 -32.73
C ASP A 435 -34.72 -10.64 -31.34
N PHE A 436 -33.92 -9.62 -31.01
CA PHE A 436 -33.24 -9.58 -29.73
C PHE A 436 -34.25 -9.56 -28.59
N THR A 437 -33.94 -10.34 -27.55
CA THR A 437 -34.77 -10.41 -26.34
C THR A 437 -33.84 -10.25 -25.14
N GLY A 438 -33.73 -9.03 -24.63
CA GLY A 438 -32.86 -8.77 -23.51
C GLY A 438 -32.93 -7.32 -23.08
N CYS A 439 -31.91 -6.89 -22.36
CA CYS A 439 -31.82 -5.54 -21.84
C CYS A 439 -30.46 -4.95 -22.15
N VAL A 440 -30.43 -3.64 -22.39
CA VAL A 440 -29.22 -2.89 -22.67
C VAL A 440 -28.99 -1.93 -21.51
N ILE A 441 -27.76 -1.93 -21.00
CA ILE A 441 -27.38 -1.10 -19.85
C ILE A 441 -26.15 -0.31 -20.23
N ALA A 442 -26.23 1.02 -20.14
CA ALA A 442 -25.13 1.90 -20.51
C ALA A 442 -25.01 3.02 -19.49
N TRP A 443 -23.78 3.29 -19.05
CA TRP A 443 -23.50 4.38 -18.13
C TRP A 443 -22.16 4.98 -18.46
N ASN A 444 -21.93 6.20 -17.97
CA ASN A 444 -20.72 6.93 -18.28
C ASN A 444 -19.56 6.43 -17.41
N SER A 445 -18.37 6.40 -18.01
CA SER A 445 -17.16 5.95 -17.33
C SER A 445 -15.99 6.90 -17.60
N ASN A 446 -16.28 8.19 -17.74
CA ASN A 446 -15.23 9.17 -18.00
C ASN A 446 -14.22 9.24 -16.87
N LYS A 447 -14.54 8.70 -15.69
CA LYS A 447 -13.61 8.74 -14.58
C LYS A 447 -12.66 7.56 -14.59
N LEU A 448 -13.09 6.41 -15.10
CA LEU A 448 -12.32 5.18 -15.06
C LEU A 448 -11.60 4.90 -16.37
N ASP A 449 -12.30 5.02 -17.50
CA ASP A 449 -11.77 4.67 -18.81
C ASP A 449 -11.32 5.89 -19.60
N SER A 450 -10.77 6.90 -18.92
CA SER A 450 -10.30 8.11 -19.59
C SER A 450 -9.16 8.71 -18.79
N LYS A 451 -8.24 9.34 -19.50
CA LYS A 451 -7.08 9.97 -18.89
C LYS A 451 -6.81 11.30 -19.59
N PRO A 452 -6.19 12.25 -18.88
CA PRO A 452 -5.82 13.51 -19.55
C PRO A 452 -4.80 13.34 -20.64
N SER A 453 -4.01 12.26 -20.61
CA SER A 453 -3.04 11.98 -21.65
C SER A 453 -3.61 11.13 -22.78
N GLY A 454 -4.73 10.46 -22.55
CA GLY A 454 -5.35 9.63 -23.57
C GLY A 454 -5.16 8.15 -23.34
N ASN A 455 -6.26 7.42 -23.20
CA ASN A 455 -6.24 5.98 -23.00
C ASN A 455 -6.43 5.30 -24.36
N TYR A 456 -5.38 4.62 -24.83
CA TYR A 456 -5.39 3.99 -26.14
C TYR A 456 -5.55 2.48 -26.05
N ASN A 457 -6.27 2.00 -25.05
CA ASN A 457 -6.50 0.58 -24.84
C ASN A 457 -7.87 0.12 -25.34
N TYR A 458 -8.59 0.97 -26.05
CA TYR A 458 -9.91 0.64 -26.58
C TYR A 458 -9.94 0.87 -28.08
N LEU A 459 -10.33 -0.15 -28.83
CA LEU A 459 -10.36 -0.11 -30.29
C LEU A 459 -11.76 -0.45 -30.77
N TYR A 460 -12.06 -0.06 -32.02
CA TYR A 460 -13.41 -0.26 -32.54
C TYR A 460 -13.43 -0.72 -34.00
N ARG A 461 -12.31 -1.15 -34.57
CA ARG A 461 -12.28 -1.78 -35.89
C ARG A 461 -13.01 -0.92 -36.93
N LEU A 462 -12.41 0.25 -37.20
CA LEU A 462 -12.99 1.21 -38.12
C LEU A 462 -13.54 0.56 -39.38
N LEU A 463 -12.75 -0.29 -40.03
CA LEU A 463 -13.09 -0.86 -41.33
C LEU A 463 -13.17 -2.38 -41.27
N ARG A 464 -14.00 -2.93 -42.16
CA ARG A 464 -14.11 -4.36 -42.34
C ARG A 464 -14.63 -4.60 -43.76
N LYS A 465 -14.30 -5.78 -44.30
CA LYS A 465 -14.65 -6.07 -45.68
C LYS A 465 -16.12 -6.41 -45.86
N SER A 466 -16.71 -7.11 -44.90
CA SER A 466 -18.12 -7.47 -44.95
C SER A 466 -18.78 -7.10 -43.64
N LYS A 467 -20.09 -6.89 -43.69
CA LYS A 467 -20.83 -6.51 -42.51
C LYS A 467 -20.97 -7.70 -41.56
N LEU A 468 -20.90 -7.43 -40.27
CA LEU A 468 -20.88 -8.48 -39.27
C LEU A 468 -22.29 -8.97 -38.95
N LYS A 469 -22.38 -10.22 -38.55
CA LYS A 469 -23.64 -10.87 -38.21
C LYS A 469 -23.87 -10.81 -36.71
N PRO A 470 -25.09 -11.08 -36.25
CA PRO A 470 -25.39 -11.01 -34.82
C PRO A 470 -24.51 -11.94 -34.00
N PHE A 471 -23.98 -11.42 -32.90
CA PHE A 471 -23.20 -12.21 -31.94
C PHE A 471 -21.99 -12.85 -32.61
N GLU A 472 -21.20 -12.04 -33.30
CA GLU A 472 -19.93 -12.47 -33.87
C GLU A 472 -18.81 -11.58 -33.37
N ARG A 473 -17.58 -12.10 -33.49
CA ARG A 473 -16.40 -11.42 -32.99
C ARG A 473 -15.26 -11.62 -33.98
N ASP A 474 -14.72 -10.51 -34.48
CA ASP A 474 -13.59 -10.52 -35.40
C ASP A 474 -12.40 -9.88 -34.70
N ILE A 475 -11.57 -10.70 -34.08
CA ILE A 475 -10.42 -10.22 -33.32
C ILE A 475 -9.19 -10.14 -34.22
N SER A 476 -9.38 -10.39 -35.52
CA SER A 476 -8.28 -10.34 -36.46
C SER A 476 -7.73 -8.93 -36.56
N THR A 477 -6.40 -8.81 -36.57
CA THR A 477 -5.71 -7.54 -36.66
C THR A 477 -4.89 -7.44 -37.94
N GLU A 478 -5.29 -8.20 -38.96
CA GLU A 478 -4.59 -8.15 -40.24
C GLU A 478 -4.85 -6.81 -40.92
N ILE A 479 -4.01 -6.51 -41.91
CA ILE A 479 -4.11 -5.25 -42.63
C ILE A 479 -5.23 -5.34 -43.65
N TYR A 480 -6.08 -4.32 -43.69
CA TYR A 480 -7.22 -4.30 -44.60
C TYR A 480 -6.77 -3.88 -45.99
N GLN A 481 -7.05 -4.72 -46.98
CA GLN A 481 -6.65 -4.46 -48.36
C GLN A 481 -7.78 -3.69 -49.04
N ALA A 482 -7.61 -2.37 -49.14
CA ALA A 482 -8.58 -1.53 -49.82
C ALA A 482 -8.32 -1.43 -51.31
N GLY A 483 -7.06 -1.52 -51.73
CA GLY A 483 -6.69 -1.47 -53.13
C GLY A 483 -6.63 -2.86 -53.75
N ASN A 484 -6.01 -2.91 -54.93
CA ASN A 484 -5.90 -4.16 -55.65
C ASN A 484 -4.61 -4.89 -55.31
N LYS A 485 -3.53 -4.16 -55.07
CA LYS A 485 -2.25 -4.79 -54.78
C LYS A 485 -2.37 -5.61 -53.50
N PRO A 486 -1.96 -6.88 -53.50
CA PRO A 486 -2.01 -7.65 -52.25
C PRO A 486 -1.11 -7.04 -51.19
N CYS A 487 -1.74 -6.56 -50.11
CA CYS A 487 -1.01 -6.00 -48.99
C CYS A 487 -0.25 -7.11 -48.29
N ASN A 488 1.08 -6.97 -48.22
CA ASN A 488 1.96 -8.01 -47.74
C ASN A 488 2.27 -7.89 -46.24
N GLY A 489 1.34 -7.36 -45.46
CA GLY A 489 1.54 -7.20 -44.04
C GLY A 489 2.14 -5.87 -43.61
N VAL A 490 2.27 -4.92 -44.54
CA VAL A 490 2.83 -3.61 -44.25
C VAL A 490 1.84 -2.56 -44.70
N ALA A 491 1.52 -1.62 -43.81
CA ALA A 491 0.62 -0.54 -44.16
C ALA A 491 1.16 0.25 -45.34
N GLY A 492 0.26 0.66 -46.23
CA GLY A 492 0.65 1.37 -47.43
C GLY A 492 -0.40 2.37 -47.89
N PRO A 493 -0.20 2.93 -49.07
CA PRO A 493 -1.15 3.93 -49.58
C PRO A 493 -2.55 3.38 -49.81
N ASN A 494 -2.72 2.06 -49.88
CA ASN A 494 -4.01 1.46 -50.19
C ASN A 494 -4.40 0.36 -49.20
N CYS A 495 -3.65 0.19 -48.11
CA CYS A 495 -4.05 -0.75 -47.07
C CYS A 495 -3.53 -0.25 -45.73
N TYR A 496 -4.45 0.03 -44.81
CA TYR A 496 -4.12 0.51 -43.48
C TYR A 496 -4.56 -0.52 -42.44
N SER A 497 -4.35 -0.18 -41.17
CA SER A 497 -4.78 -1.06 -40.09
C SER A 497 -6.26 -0.84 -39.81
N PRO A 498 -7.01 -1.90 -39.49
CA PRO A 498 -8.46 -1.74 -39.29
C PRO A 498 -8.83 -1.20 -37.91
N LEU A 499 -7.97 -1.46 -36.93
CA LEU A 499 -8.25 -1.12 -35.54
C LEU A 499 -7.81 0.32 -35.27
N GLN A 500 -8.77 1.18 -34.97
CA GLN A 500 -8.51 2.55 -34.55
C GLN A 500 -8.75 2.67 -33.05
N SER A 501 -7.89 3.43 -32.38
CA SER A 501 -7.92 3.55 -30.93
C SER A 501 -8.69 4.78 -30.51
N TYR A 502 -9.43 4.66 -29.41
CA TYR A 502 -10.12 5.80 -28.82
C TYR A 502 -9.14 6.67 -28.06
N GLY A 503 -9.35 7.98 -28.14
CA GLY A 503 -8.52 8.93 -27.43
C GLY A 503 -9.23 9.56 -26.26
N PHE A 504 -9.95 8.74 -25.49
CA PHE A 504 -10.76 9.23 -24.40
C PHE A 504 -9.95 10.14 -23.48
N ARG A 505 -10.50 11.33 -23.20
CA ARG A 505 -9.90 12.29 -22.30
C ARG A 505 -11.03 13.02 -21.57
N PRO A 506 -10.84 13.35 -20.29
CA PRO A 506 -11.91 14.05 -19.55
C PRO A 506 -12.32 15.35 -20.20
N THR A 507 -11.43 16.00 -20.95
CA THR A 507 -11.76 17.27 -21.59
C THR A 507 -12.80 17.11 -22.69
N TYR A 508 -12.97 15.90 -23.23
CA TYR A 508 -13.95 15.68 -24.28
C TYR A 508 -15.36 15.85 -23.74
N GLY A 509 -16.19 16.53 -24.51
CA GLY A 509 -17.58 16.71 -24.13
C GLY A 509 -18.39 15.46 -24.29
N VAL A 510 -19.62 15.51 -23.78
CA VAL A 510 -20.52 14.36 -23.89
C VAL A 510 -20.74 14.05 -25.37
N GLY A 511 -20.58 12.78 -25.72
CA GLY A 511 -20.63 12.31 -27.09
C GLY A 511 -19.36 11.62 -27.54
N HIS A 512 -18.22 11.99 -26.95
CA HIS A 512 -16.96 11.31 -27.20
C HIS A 512 -16.41 10.65 -25.94
N GLN A 513 -17.10 10.75 -24.81
CA GLN A 513 -16.65 10.14 -23.58
C GLN A 513 -16.90 8.64 -23.59
N PRO A 514 -16.21 7.90 -22.73
CA PRO A 514 -16.42 6.44 -22.68
C PRO A 514 -17.70 6.10 -21.94
N TYR A 515 -18.54 5.29 -22.58
CA TYR A 515 -19.78 4.78 -21.98
C TYR A 515 -19.69 3.26 -21.95
N ARG A 516 -19.66 2.69 -20.74
CA ARG A 516 -19.62 1.25 -20.59
C ARG A 516 -20.99 0.66 -20.86
N VAL A 517 -21.06 -0.32 -21.75
CA VAL A 517 -22.31 -0.92 -22.20
C VAL A 517 -22.32 -2.38 -21.76
N VAL A 518 -23.42 -2.80 -21.14
CA VAL A 518 -23.64 -4.19 -20.74
C VAL A 518 -24.92 -4.66 -21.39
N VAL A 519 -24.82 -5.72 -22.18
CA VAL A 519 -25.96 -6.29 -22.91
C VAL A 519 -26.27 -7.65 -22.31
N LEU A 520 -27.46 -7.78 -21.74
CA LEU A 520 -27.92 -9.03 -21.14
C LEU A 520 -28.88 -9.71 -22.11
N SER A 521 -28.45 -10.84 -22.67
CA SER A 521 -29.25 -11.61 -23.60
C SER A 521 -29.68 -12.91 -22.94
N PHE A 522 -30.99 -13.16 -22.94
CA PHE A 522 -31.54 -14.36 -22.34
C PHE A 522 -32.70 -14.86 -23.19
N GLU A 523 -32.87 -16.18 -23.22
CA GLU A 523 -33.94 -16.81 -23.97
C GLU A 523 -35.19 -16.88 -23.10
N LEU A 524 -36.33 -16.47 -23.67
CA LEU A 524 -37.56 -16.35 -22.90
C LEU A 524 -38.42 -17.61 -22.92
N LEU A 525 -38.35 -18.42 -23.98
CA LEU A 525 -39.18 -19.60 -24.06
C LEU A 525 -38.94 -20.50 -22.85
N HIS A 526 -39.94 -21.33 -22.55
CA HIS A 526 -39.96 -22.10 -21.31
C HIS A 526 -39.23 -23.44 -21.49
N ALA A 527 -37.94 -23.34 -21.73
CA ALA A 527 -37.05 -24.48 -21.76
C ALA A 527 -36.49 -24.74 -20.36
N PRO A 528 -35.80 -25.86 -20.14
CA PRO A 528 -35.20 -26.11 -18.82
C PRO A 528 -34.39 -24.92 -18.33
N ALA A 529 -34.85 -24.31 -17.24
CA ALA A 529 -34.29 -23.06 -16.76
C ALA A 529 -33.11 -23.30 -15.84
N THR A 530 -32.19 -22.32 -15.82
CA THR A 530 -31.06 -22.33 -14.91
C THR A 530 -30.97 -21.08 -14.05
N VAL A 531 -31.70 -20.02 -14.39
CA VAL A 531 -31.75 -18.79 -13.61
C VAL A 531 -33.23 -18.43 -13.44
N CYS A 532 -33.71 -18.47 -12.20
CA CYS A 532 -35.11 -18.24 -11.92
C CYS A 532 -35.38 -17.06 -11.00
N GLY A 533 -34.34 -16.46 -10.42
CA GLY A 533 -34.52 -15.32 -9.55
C GLY A 533 -34.95 -15.71 -8.16
N PRO A 534 -35.16 -14.71 -7.29
CA PRO A 534 -35.50 -15.01 -5.88
C PRO A 534 -36.91 -15.55 -5.70
N LYS A 535 -37.22 -16.65 -6.36
CA LYS A 535 -38.53 -17.29 -6.21
C LYS A 535 -39.67 -16.36 -6.62
N SER B 2 -10.97 -11.04 -2.53
CA SER B 2 -10.29 -12.02 -1.64
C SER B 2 -8.99 -11.46 -1.10
N ALA B 3 -8.35 -12.20 -0.19
CA ALA B 3 -7.10 -11.78 0.42
C ALA B 3 -5.93 -12.52 -0.22
N LEU B 4 -4.83 -11.79 -0.42
CA LEU B 4 -3.64 -12.35 -1.04
C LEU B 4 -2.70 -12.92 0.01
N THR B 5 -1.90 -13.90 -0.40
CA THR B 5 -0.93 -14.54 0.47
C THR B 5 0.45 -14.43 -0.14
N GLN B 6 1.44 -14.11 0.69
CA GLN B 6 2.83 -14.02 0.29
C GLN B 6 3.69 -14.69 1.34
N PRO B 7 4.86 -15.22 0.97
CA PRO B 7 5.77 -15.77 1.97
C PRO B 7 6.18 -14.70 2.97
N PRO B 8 6.28 -15.03 4.25
CA PRO B 8 6.72 -14.01 5.23
C PRO B 8 8.09 -13.42 4.91
N SER B 9 8.99 -14.20 4.32
CA SER B 9 10.34 -13.71 4.05
C SER B 9 10.93 -14.51 2.90
N ALA B 10 11.91 -13.91 2.24
CA ALA B 10 12.66 -14.55 1.17
C ALA B 10 14.14 -14.26 1.37
N SER B 11 14.98 -15.10 0.77
CA SER B 11 16.42 -15.01 0.94
C SER B 11 17.11 -15.26 -0.39
N GLY B 12 18.20 -14.53 -0.62
CA GLY B 12 18.98 -14.69 -1.83
C GLY B 12 20.34 -14.03 -1.72
N SER B 13 21.36 -14.67 -2.29
CA SER B 13 22.71 -14.14 -2.24
C SER B 13 22.95 -13.17 -3.38
N PRO B 14 23.94 -12.30 -3.26
CA PRO B 14 24.19 -11.33 -4.34
C PRO B 14 24.50 -12.04 -5.66
N GLY B 15 24.04 -11.43 -6.74
CA GLY B 15 24.23 -11.96 -8.08
C GLY B 15 23.21 -12.99 -8.50
N GLN B 16 22.72 -13.80 -7.57
CA GLN B 16 21.73 -14.81 -7.89
C GLN B 16 20.36 -14.17 -8.10
N SER B 17 19.36 -15.01 -8.33
CA SER B 17 17.99 -14.57 -8.55
C SER B 17 17.07 -15.20 -7.51
N VAL B 18 15.96 -14.52 -7.25
CA VAL B 18 14.94 -14.98 -6.32
C VAL B 18 13.57 -14.69 -6.88
N THR B 19 12.56 -15.39 -6.36
CA THR B 19 11.19 -15.26 -6.83
C THR B 19 10.26 -15.13 -5.64
N ILE B 20 9.22 -14.31 -5.81
CA ILE B 20 8.22 -14.05 -4.78
C ILE B 20 6.85 -14.41 -5.34
N SER B 21 6.13 -15.27 -4.63
CA SER B 21 4.84 -15.78 -5.09
C SER B 21 3.70 -15.04 -4.42
N CYS B 22 2.58 -14.93 -5.14
CA CYS B 22 1.39 -14.26 -4.65
C CYS B 22 0.17 -15.05 -5.11
N THR B 23 -0.60 -15.57 -4.16
CA THR B 23 -1.78 -16.37 -4.44
C THR B 23 -3.03 -15.66 -3.95
N GLY B 24 -4.09 -15.72 -4.75
CA GLY B 24 -5.36 -15.11 -4.41
C GLY B 24 -5.83 -14.03 -5.38
N ALA B 25 -5.09 -13.75 -6.45
CA ALA B 25 -5.49 -12.70 -7.38
C ALA B 25 -6.84 -13.03 -8.01
N SER B 26 -7.78 -12.11 -7.88
CA SER B 26 -9.10 -12.26 -8.47
C SER B 26 -9.11 -11.74 -9.90
N SER B 27 -10.26 -11.84 -10.55
CA SER B 27 -10.40 -11.43 -11.94
C SER B 27 -11.77 -10.81 -12.16
N ASP B 28 -11.95 -10.26 -13.36
CA ASP B 28 -13.22 -9.67 -13.77
C ASP B 28 -13.41 -9.95 -15.25
N VAL B 29 -14.47 -9.36 -15.87
CA VAL B 29 -14.73 -9.53 -17.32
C VAL B 29 -13.65 -8.98 -18.22
N GLY B 30 -13.05 -7.86 -17.84
CA GLY B 30 -12.04 -7.23 -18.69
C GLY B 30 -10.89 -8.15 -18.97
N GLY B 31 -10.40 -8.83 -17.93
CA GLY B 31 -9.29 -9.74 -18.10
C GLY B 31 -8.92 -10.45 -16.82
N TYR B 32 -7.66 -10.83 -16.67
CA TYR B 32 -7.17 -11.52 -15.46
C TYR B 32 -6.05 -10.80 -14.74
N ASN B 33 -5.03 -10.34 -15.47
CA ASN B 33 -3.86 -9.73 -14.84
C ASN B 33 -4.16 -8.32 -14.35
N TYR B 34 -4.49 -8.17 -13.08
CA TYR B 34 -4.68 -6.84 -12.48
C TYR B 34 -3.72 -6.99 -11.36
N VAL B 35 -2.44 -7.25 -11.68
CA VAL B 35 -1.44 -7.53 -10.66
C VAL B 35 -0.35 -6.47 -10.69
N SER B 36 0.09 -5.97 -9.51
CA SER B 36 1.16 -4.99 -9.43
C SER B 36 2.00 -5.29 -8.20
N TRP B 37 3.26 -4.84 -8.24
CA TRP B 37 4.21 -5.06 -7.16
C TRP B 37 4.79 -3.73 -6.72
N TYR B 38 4.95 -3.57 -5.41
CA TYR B 38 5.48 -2.35 -4.82
C TYR B 38 6.70 -2.66 -3.96
N GLN B 39 7.67 -1.75 -3.98
CA GLN B 39 8.88 -1.85 -3.19
C GLN B 39 8.89 -0.73 -2.16
N GLN B 40 9.14 -1.08 -0.89
CA GLN B 40 9.14 -0.12 0.21
C GLN B 40 10.42 -0.31 1.03
N HIS B 41 11.28 0.69 0.99
CA HIS B 41 12.46 0.66 1.85
C HIS B 41 12.08 1.14 3.26
N PRO B 42 12.84 0.73 4.28
CA PRO B 42 12.51 1.16 5.65
C PRO B 42 12.61 2.67 5.80
N GLY B 43 11.50 3.28 6.19
CA GLY B 43 11.45 4.69 6.49
C GLY B 43 10.97 5.60 5.38
N LYS B 44 10.42 5.04 4.30
CA LYS B 44 9.92 5.87 3.22
C LYS B 44 8.78 5.14 2.53
N ALA B 45 8.10 5.85 1.63
CA ALA B 45 6.91 5.33 1.00
C ALA B 45 7.27 4.25 -0.03
N PRO B 46 6.33 3.37 -0.35
CA PRO B 46 6.59 2.36 -1.38
C PRO B 46 6.79 3.00 -2.75
N LYS B 47 7.16 2.15 -3.70
CA LYS B 47 7.34 2.58 -5.08
C LYS B 47 6.83 1.48 -6.00
N LEU B 48 6.14 1.88 -7.07
CA LEU B 48 5.57 0.93 -8.01
C LEU B 48 6.68 0.29 -8.82
N MET B 49 6.92 -1.00 -8.59
CA MET B 49 7.93 -1.73 -9.33
C MET B 49 7.34 -2.35 -10.60
N ILE B 50 6.27 -3.10 -10.47
CA ILE B 50 5.65 -3.81 -11.59
C ILE B 50 4.15 -3.53 -11.57
N TYR B 51 3.61 -3.29 -12.76
CA TYR B 51 2.17 -3.17 -12.97
C TYR B 51 1.85 -3.87 -14.28
N GLU B 52 0.75 -4.63 -14.31
CA GLU B 52 0.41 -5.38 -15.52
C GLU B 52 1.57 -6.31 -15.89
N VAL B 53 1.71 -7.34 -15.06
CA VAL B 53 2.98 -8.03 -14.82
C VAL B 53 3.82 -8.17 -16.08
N ASN B 54 3.17 -8.28 -17.24
CA ASN B 54 3.95 -8.23 -18.48
C ASN B 54 4.46 -6.81 -18.79
N LYS B 55 4.34 -5.84 -17.88
CA LYS B 55 4.82 -4.49 -18.08
C LYS B 55 5.48 -3.98 -16.81
N ARG B 56 6.22 -2.89 -16.94
CA ARG B 56 6.84 -2.21 -15.80
C ARG B 56 7.01 -0.75 -16.14
N PRO B 57 7.06 0.13 -15.14
CA PRO B 57 7.20 1.56 -15.42
C PRO B 57 8.62 1.91 -15.83
N SER B 58 8.80 3.16 -16.23
CA SER B 58 10.11 3.68 -16.56
C SER B 58 10.85 4.05 -15.28
N GLY B 59 12.18 4.08 -15.37
CA GLY B 59 13.02 4.29 -14.21
C GLY B 59 13.23 3.08 -13.35
N VAL B 60 12.74 1.93 -13.76
CA VAL B 60 12.89 0.68 -13.02
C VAL B 60 13.83 -0.23 -13.80
N PRO B 61 14.91 -0.73 -13.20
CA PRO B 61 15.81 -1.61 -13.94
C PRO B 61 15.08 -2.81 -14.53
N ASP B 62 15.62 -3.32 -15.64
CA ASP B 62 15.07 -4.52 -16.26
C ASP B 62 15.26 -5.76 -15.41
N ARG B 63 16.00 -5.66 -14.31
CA ARG B 63 16.20 -6.80 -13.43
C ARG B 63 14.90 -7.28 -12.79
N PHE B 64 13.87 -6.43 -12.75
CA PHE B 64 12.59 -6.78 -12.17
C PHE B 64 11.67 -7.30 -13.27
N SER B 65 11.24 -8.55 -13.14
CA SER B 65 10.35 -9.18 -14.12
C SER B 65 9.17 -9.81 -13.38
N GLY B 66 8.08 -9.99 -14.12
CA GLY B 66 6.87 -10.55 -13.54
C GLY B 66 6.25 -11.57 -14.46
N SER B 67 5.33 -12.35 -13.91
CA SER B 67 4.63 -13.38 -14.65
C SER B 67 3.39 -13.78 -13.86
N LYS B 68 2.59 -14.66 -14.46
CA LYS B 68 1.39 -15.16 -13.82
C LYS B 68 1.02 -16.51 -14.41
N SER B 69 0.77 -17.48 -13.54
CA SER B 69 0.32 -18.82 -13.94
C SER B 69 -0.90 -19.15 -13.08
N GLY B 70 -2.09 -18.95 -13.65
CA GLY B 70 -3.30 -19.13 -12.86
C GLY B 70 -3.42 -18.03 -11.82
N ASN B 71 -3.89 -18.40 -10.63
CA ASN B 71 -4.02 -17.46 -9.53
C ASN B 71 -2.71 -17.22 -8.80
N THR B 72 -1.58 -17.65 -9.38
CA THR B 72 -0.27 -17.48 -8.76
C THR B 72 0.55 -16.52 -9.61
N ALA B 73 0.99 -15.43 -8.99
CA ALA B 73 1.83 -14.43 -9.63
C ALA B 73 3.23 -14.48 -9.03
N SER B 74 4.23 -14.15 -9.86
CA SER B 74 5.62 -14.27 -9.48
C SER B 74 6.36 -12.98 -9.81
N LEU B 75 7.25 -12.58 -8.90
CA LEU B 75 8.12 -11.43 -9.10
C LEU B 75 9.56 -11.94 -9.17
N THR B 76 10.18 -11.80 -10.33
CA THR B 76 11.52 -12.33 -10.59
C THR B 76 12.52 -11.19 -10.57
N ILE B 77 13.55 -11.33 -9.72
CA ILE B 77 14.65 -10.38 -9.64
C ILE B 77 15.90 -11.11 -10.12
N SER B 78 16.51 -10.59 -11.19
CA SER B 78 17.65 -11.27 -11.79
C SER B 78 18.92 -11.07 -10.97
N GLY B 79 19.35 -9.82 -10.82
CA GLY B 79 20.57 -9.52 -10.09
C GLY B 79 20.31 -8.83 -8.77
N LEU B 80 20.73 -9.45 -7.68
CA LEU B 80 20.49 -8.90 -6.35
C LEU B 80 21.61 -7.93 -5.97
N GLN B 81 21.24 -6.96 -5.13
CA GLN B 81 22.19 -5.98 -4.63
C GLN B 81 21.76 -5.58 -3.23
N ALA B 82 22.68 -4.92 -2.52
CA ALA B 82 22.38 -4.51 -1.14
C ALA B 82 21.20 -3.55 -1.09
N ASP B 83 20.98 -2.77 -2.14
CA ASP B 83 19.88 -1.81 -2.18
C ASP B 83 18.56 -2.44 -2.58
N ASP B 84 18.47 -3.77 -2.60
CA ASP B 84 17.24 -4.47 -2.93
C ASP B 84 16.47 -4.92 -1.70
N GLU B 85 17.06 -4.86 -0.51
CA GLU B 85 16.35 -5.23 0.71
C GLU B 85 15.17 -4.29 0.92
N ALA B 86 13.96 -4.86 0.91
CA ALA B 86 12.75 -4.09 1.08
C ALA B 86 11.58 -5.06 1.16
N ASP B 87 10.44 -4.53 1.60
CA ASP B 87 9.21 -5.32 1.67
C ASP B 87 8.49 -5.22 0.34
N TYR B 88 8.20 -6.37 -0.26
CA TYR B 88 7.56 -6.46 -1.55
C TYR B 88 6.13 -6.96 -1.37
N TYR B 89 5.16 -6.14 -1.76
CA TYR B 89 3.75 -6.47 -1.65
C TYR B 89 3.16 -6.67 -3.05
N CYS B 90 2.19 -7.57 -3.15
CA CYS B 90 1.42 -7.73 -4.38
C CYS B 90 0.03 -7.15 -4.19
N CYS B 91 -0.52 -6.60 -5.27
CA CYS B 91 -1.80 -5.90 -5.24
C CYS B 91 -2.70 -6.43 -6.34
N SER B 92 -3.93 -6.79 -5.98
CA SER B 92 -4.94 -7.23 -6.92
C SER B 92 -6.02 -6.16 -6.99
N TYR B 93 -6.18 -5.56 -8.18
CA TYR B 93 -7.11 -4.46 -8.36
C TYR B 93 -8.11 -4.77 -9.47
N ALA B 94 -8.73 -5.95 -9.42
CA ALA B 94 -9.63 -6.38 -10.48
C ALA B 94 -11.05 -5.84 -10.27
N LEU B 95 -11.65 -6.14 -9.11
CA LEU B 95 -13.05 -5.80 -8.85
C LEU B 95 -13.16 -4.44 -8.16
N SER B 96 -12.55 -3.44 -8.79
CA SER B 96 -12.58 -2.07 -8.29
C SER B 96 -12.18 -2.01 -6.81
N ARG B 97 -11.27 -2.88 -6.40
CA ARG B 97 -10.85 -2.97 -5.02
C ARG B 97 -9.44 -3.52 -4.97
N VAL B 98 -8.52 -2.75 -4.40
CA VAL B 98 -7.12 -3.17 -4.29
C VAL B 98 -6.94 -3.92 -2.98
N VAL B 99 -6.21 -5.03 -3.05
CA VAL B 99 -5.95 -5.87 -1.89
C VAL B 99 -4.44 -6.08 -1.81
N PHE B 100 -3.84 -5.60 -0.73
CA PHE B 100 -2.41 -5.75 -0.51
C PHE B 100 -2.13 -7.00 0.31
N GLY B 101 -1.11 -7.74 -0.08
CA GLY B 101 -0.69 -8.91 0.67
C GLY B 101 0.10 -8.54 1.91
N GLY B 102 0.35 -9.56 2.73
CA GLY B 102 1.11 -9.35 3.96
C GLY B 102 2.54 -8.90 3.75
N GLY B 103 3.05 -8.98 2.52
CA GLY B 103 4.40 -8.56 2.23
C GLY B 103 5.42 -9.62 2.61
N THR B 104 6.59 -9.50 1.99
CA THR B 104 7.70 -10.41 2.24
C THR B 104 8.98 -9.60 2.38
N MET B 105 9.79 -9.97 3.37
CA MET B 105 11.05 -9.28 3.63
C MET B 105 12.16 -9.94 2.80
N LEU B 106 12.82 -9.15 1.97
CA LEU B 106 13.93 -9.62 1.14
C LEU B 106 15.23 -9.23 1.82
N THR B 107 15.99 -10.23 2.24
CA THR B 107 17.28 -10.03 2.90
C THR B 107 18.37 -10.70 2.07
N VAL B 108 19.38 -9.93 1.70
CA VAL B 108 20.48 -10.44 0.90
C VAL B 108 21.59 -10.92 1.82
N LEU B 109 22.15 -12.08 1.50
CA LEU B 109 23.19 -12.68 2.33
C LEU B 109 24.53 -12.01 2.02
N GLY B 110 25.61 -12.59 2.55
CA GLY B 110 26.94 -12.06 2.37
C GLY B 110 27.42 -11.21 3.52
N GLN B 111 26.52 -10.67 4.32
CA GLN B 111 26.91 -9.87 5.48
C GLN B 111 27.52 -10.79 6.53
N PRO B 112 28.76 -10.57 6.97
CA PRO B 112 29.36 -11.48 7.95
C PRO B 112 28.71 -11.33 9.31
N LYS B 113 28.68 -12.43 10.05
CA LYS B 113 28.13 -12.42 11.40
C LYS B 113 29.05 -11.66 12.34
N ALA B 114 28.44 -10.93 13.27
CA ALA B 114 29.17 -10.17 14.27
C ALA B 114 28.52 -10.38 15.63
N ALA B 115 29.35 -10.58 16.64
CA ALA B 115 28.82 -10.78 17.98
C ALA B 115 28.38 -9.45 18.59
N PRO B 116 27.42 -9.48 19.51
CA PRO B 116 26.94 -8.22 20.10
C PRO B 116 27.87 -7.71 21.20
N SER B 117 28.10 -6.41 21.18
CA SER B 117 28.84 -5.75 22.25
C SER B 117 27.88 -5.36 23.37
N VAL B 118 28.30 -5.58 24.61
CA VAL B 118 27.46 -5.39 25.78
C VAL B 118 28.07 -4.30 26.66
N THR B 119 27.20 -3.48 27.25
CA THR B 119 27.61 -2.43 28.18
C THR B 119 26.51 -2.26 29.21
N LEU B 120 26.79 -2.67 30.44
CA LEU B 120 25.81 -2.62 31.52
C LEU B 120 26.17 -1.47 32.46
N PHE B 121 25.28 -0.48 32.54
CA PHE B 121 25.49 0.66 33.42
C PHE B 121 24.73 0.48 34.72
N PRO B 122 25.35 0.70 35.88
CA PRO B 122 24.61 0.60 37.14
C PRO B 122 23.76 1.83 37.37
N PRO B 123 22.89 1.80 38.39
CA PRO B 123 22.05 2.97 38.67
C PRO B 123 22.90 4.19 38.98
N SER B 124 22.59 5.30 38.32
CA SER B 124 23.34 6.53 38.52
C SER B 124 23.17 7.02 39.95
N SER B 125 24.17 7.77 40.43
CA SER B 125 24.15 8.25 41.81
C SER B 125 23.00 9.24 42.02
N GLU B 126 22.70 10.06 41.01
CA GLU B 126 21.64 11.05 41.17
C GLU B 126 20.29 10.38 41.35
N GLU B 127 19.94 9.45 40.46
CA GLU B 127 18.67 8.74 40.62
C GLU B 127 18.65 7.92 41.90
N LEU B 128 19.83 7.50 42.37
CA LEU B 128 19.89 6.80 43.66
C LEU B 128 19.52 7.73 44.80
N GLN B 129 20.03 8.97 44.77
CA GLN B 129 19.58 9.96 45.74
C GLN B 129 18.07 10.14 45.67
N ALA B 130 17.51 10.05 44.47
CA ALA B 130 16.07 10.04 44.30
C ALA B 130 15.53 8.64 44.58
N ASN B 131 14.20 8.53 44.60
CA ASN B 131 13.53 7.26 44.92
C ASN B 131 13.19 6.53 43.63
N LYS B 132 14.25 6.03 42.98
CA LYS B 132 14.11 5.25 41.76
C LYS B 132 15.47 4.77 41.33
N ALA B 133 15.49 3.72 40.50
CA ALA B 133 16.73 3.16 40.00
C ALA B 133 16.41 2.32 38.77
N THR B 134 17.35 2.27 37.83
CA THR B 134 17.15 1.53 36.60
C THR B 134 18.49 1.05 36.06
N LEU B 135 18.54 -0.22 35.66
CA LEU B 135 19.70 -0.80 35.01
C LEU B 135 19.52 -0.71 33.50
N VAL B 136 20.59 -0.36 32.80
CA VAL B 136 20.56 -0.17 31.35
C VAL B 136 21.56 -1.13 30.73
N CYS B 137 21.07 -2.06 29.91
CA CYS B 137 21.91 -3.00 29.18
C CYS B 137 21.80 -2.68 27.70
N LEU B 138 22.91 -2.26 27.11
CA LEU B 138 22.95 -1.83 25.72
C LEU B 138 23.61 -2.90 24.86
N ILE B 139 23.02 -3.15 23.69
CA ILE B 139 23.49 -4.18 22.77
C ILE B 139 23.70 -3.54 21.40
N SER B 140 24.80 -3.89 20.74
CA SER B 140 25.12 -3.30 19.45
C SER B 140 26.10 -4.21 18.71
N ASP B 141 26.23 -3.97 17.41
CA ASP B 141 27.20 -4.60 16.52
C ASP B 141 26.85 -6.02 16.13
N PHE B 142 25.59 -6.43 16.26
CA PHE B 142 25.16 -7.76 15.84
C PHE B 142 24.32 -7.64 14.58
N TYR B 143 24.65 -8.43 13.56
CA TYR B 143 23.97 -8.37 12.28
C TYR B 143 22.63 -9.11 12.33
N PRO B 144 22.60 -10.37 12.73
CA PRO B 144 21.32 -11.09 12.78
C PRO B 144 20.34 -10.38 13.71
N GLY B 145 19.25 -9.89 13.13
CA GLY B 145 18.27 -9.14 13.89
C GLY B 145 17.41 -10.01 14.78
N ALA B 146 18.05 -10.74 15.70
CA ALA B 146 17.33 -11.62 16.61
C ALA B 146 18.17 -11.79 17.87
N VAL B 147 17.60 -11.44 19.02
CA VAL B 147 18.28 -11.58 20.30
C VAL B 147 17.25 -11.44 21.42
N THR B 148 17.46 -12.18 22.51
CA THR B 148 16.56 -12.16 23.65
C THR B 148 17.38 -11.94 24.91
N VAL B 149 17.06 -10.88 25.66
CA VAL B 149 17.82 -10.48 26.83
C VAL B 149 17.19 -11.10 28.06
N ALA B 150 18.00 -11.78 28.86
CA ALA B 150 17.55 -12.42 30.09
C ALA B 150 18.32 -11.83 31.27
N TRP B 151 17.59 -11.40 32.28
CA TRP B 151 18.18 -10.80 33.47
C TRP B 151 18.21 -11.82 34.61
N LYS B 152 19.27 -11.77 35.41
CA LYS B 152 19.44 -12.67 36.54
C LYS B 152 19.99 -11.88 37.72
N ALA B 153 19.48 -12.17 38.91
CA ALA B 153 19.90 -11.51 40.14
C ALA B 153 20.68 -12.51 40.98
N ASP B 154 22.01 -12.37 40.97
CA ASP B 154 22.88 -13.27 41.72
C ASP B 154 22.61 -14.72 41.32
N SER B 155 22.49 -14.95 40.02
CA SER B 155 22.23 -16.25 39.40
C SER B 155 20.76 -16.65 39.49
N SER B 156 19.88 -15.78 39.97
CA SER B 156 18.47 -16.10 40.08
C SER B 156 17.71 -15.37 38.97
N PRO B 157 16.97 -16.08 38.11
CA PRO B 157 16.23 -15.39 37.04
C PRO B 157 15.26 -14.36 37.60
N VAL B 158 15.24 -13.19 36.96
CA VAL B 158 14.36 -12.10 37.35
C VAL B 158 13.72 -11.53 36.09
N LYS B 159 12.39 -11.37 36.11
CA LYS B 159 11.66 -10.85 34.96
C LYS B 159 10.59 -9.86 35.38
N ALA B 160 10.84 -9.09 36.44
CA ALA B 160 9.90 -8.08 36.93
C ALA B 160 10.36 -6.71 36.43
N GLY B 161 9.56 -6.13 35.53
CA GLY B 161 9.86 -4.79 35.04
C GLY B 161 11.01 -4.76 34.06
N VAL B 162 10.83 -5.36 32.89
CA VAL B 162 11.87 -5.42 31.86
C VAL B 162 11.22 -5.25 30.50
N GLU B 163 11.88 -4.50 29.62
CA GLU B 163 11.42 -4.30 28.25
C GLU B 163 12.65 -4.23 27.34
N THR B 164 12.44 -4.56 26.07
CA THR B 164 13.54 -4.66 25.11
C THR B 164 13.02 -4.33 23.72
N THR B 165 13.95 -4.07 22.81
CA THR B 165 13.64 -3.77 21.42
C THR B 165 14.67 -4.45 20.52
N THR B 166 14.56 -4.21 19.21
CA THR B 166 15.52 -4.76 18.25
C THR B 166 15.55 -3.94 16.97
N PRO B 167 16.04 -2.69 17.02
CA PRO B 167 16.11 -1.88 15.81
C PRO B 167 17.40 -2.07 15.02
N SER B 168 17.55 -1.32 13.93
CA SER B 168 18.76 -1.31 13.12
C SER B 168 19.52 -0.01 13.36
N LYS B 169 20.83 -0.11 13.52
CA LYS B 169 21.64 1.04 13.92
C LYS B 169 21.60 2.15 12.89
N GLN B 170 22.13 1.90 11.71
CA GLN B 170 22.31 2.92 10.69
C GLN B 170 22.68 2.23 9.38
N SER B 171 23.12 3.02 8.39
CA SER B 171 23.55 2.44 7.11
C SER B 171 24.64 1.41 7.28
N ASN B 172 25.28 1.34 8.45
CA ASN B 172 26.27 0.31 8.72
C ASN B 172 25.75 -1.09 8.43
N ASN B 173 24.43 -1.27 8.38
CA ASN B 173 23.75 -2.52 8.02
C ASN B 173 23.72 -3.51 9.17
N LYS B 174 24.11 -3.11 10.38
CA LYS B 174 24.03 -3.96 11.56
C LYS B 174 22.95 -3.44 12.50
N TYR B 175 22.60 -4.27 13.47
CA TYR B 175 21.51 -4.00 14.39
C TYR B 175 22.03 -3.67 15.78
N ALA B 176 21.15 -3.08 16.59
CA ALA B 176 21.41 -2.80 18.00
C ALA B 176 20.15 -3.10 18.78
N ALA B 177 20.23 -2.95 20.09
CA ALA B 177 19.09 -3.18 20.97
C ALA B 177 19.39 -2.60 22.34
N SER B 178 18.33 -2.42 23.13
CA SER B 178 18.44 -1.85 24.46
C SER B 178 17.39 -2.46 25.35
N SER B 179 17.74 -2.68 26.62
CA SER B 179 16.83 -3.21 27.61
C SER B 179 16.99 -2.44 28.91
N TYR B 180 15.88 -2.23 29.61
CA TYR B 180 15.85 -1.47 30.85
C TYR B 180 15.19 -2.29 31.94
N LEU B 181 15.85 -2.40 33.08
CA LEU B 181 15.34 -3.13 34.24
C LEU B 181 15.03 -2.11 35.32
N SER B 182 13.75 -1.96 35.64
CA SER B 182 13.30 -1.02 36.66
C SER B 182 13.12 -1.75 37.98
N LEU B 183 13.68 -1.17 39.04
CA LEU B 183 13.56 -1.75 40.37
C LEU B 183 13.65 -0.64 41.41
N THR B 184 13.29 -0.98 42.63
CA THR B 184 13.35 -0.02 43.72
C THR B 184 14.78 0.10 44.24
N PRO B 185 15.12 1.24 44.85
CA PRO B 185 16.50 1.42 45.33
C PRO B 185 16.90 0.39 46.37
N GLU B 186 15.98 -0.02 47.24
CA GLU B 186 16.32 -1.05 48.23
C GLU B 186 16.42 -2.42 47.59
N GLN B 187 15.51 -2.72 46.65
CA GLN B 187 15.61 -3.98 45.90
C GLN B 187 16.93 -4.07 45.15
N TRP B 188 17.55 -2.92 44.85
CA TRP B 188 18.84 -2.93 44.16
C TRP B 188 19.96 -3.35 45.09
N LYS B 189 20.08 -2.71 46.25
CA LYS B 189 21.16 -2.97 47.18
C LYS B 189 20.93 -4.22 48.02
N SER B 190 19.88 -4.99 47.73
CA SER B 190 19.64 -6.24 48.44
C SER B 190 20.45 -7.41 47.90
N HIS B 191 21.06 -7.26 46.73
CA HIS B 191 21.85 -8.30 46.12
C HIS B 191 23.09 -7.70 45.46
N ARG B 192 23.95 -8.57 44.95
CA ARG B 192 25.14 -8.11 44.25
C ARG B 192 24.78 -7.51 42.90
N SER B 193 25.79 -6.98 42.22
CA SER B 193 25.57 -6.38 40.91
C SER B 193 24.94 -7.41 39.97
N TYR B 194 23.85 -7.02 39.32
CA TYR B 194 23.11 -7.93 38.46
C TYR B 194 23.85 -8.13 37.14
N SER B 195 23.41 -9.13 36.38
CA SER B 195 24.04 -9.51 35.13
C SER B 195 23.01 -9.49 34.01
N CYS B 196 23.47 -9.10 32.81
CA CYS B 196 22.64 -9.03 31.62
C CYS B 196 23.10 -10.10 30.64
N GLN B 197 22.19 -11.01 30.28
CA GLN B 197 22.48 -12.08 29.34
C GLN B 197 21.86 -11.72 27.99
N VAL B 198 22.62 -11.92 26.92
CA VAL B 198 22.21 -11.53 25.57
C VAL B 198 21.70 -12.72 24.77
N THR B 199 22.50 -13.78 24.67
CA THR B 199 22.10 -15.00 23.99
C THR B 199 21.82 -14.75 22.51
N HIS B 200 22.79 -14.14 21.83
CA HIS B 200 22.72 -14.02 20.38
C HIS B 200 22.63 -15.41 19.75
N GLU B 201 23.68 -16.21 19.93
CA GLU B 201 23.62 -17.64 19.66
C GLU B 201 24.11 -18.38 20.90
N GLY B 202 25.10 -17.78 21.59
CA GLY B 202 25.51 -18.24 22.89
C GLY B 202 25.48 -17.09 23.88
N SER B 203 25.73 -17.43 25.15
CA SER B 203 25.70 -16.43 26.20
C SER B 203 26.79 -15.38 25.99
N THR B 204 26.65 -14.27 26.69
CA THR B 204 27.62 -13.18 26.60
C THR B 204 27.57 -12.31 27.84
N GLN C 1 7.21 20.58 -11.46
CA GLN C 1 7.39 19.13 -11.14
C GLN C 1 6.25 18.62 -10.27
N MET C 2 5.92 17.35 -10.41
CA MET C 2 4.84 16.72 -9.67
C MET C 2 5.36 16.22 -8.33
N GLN C 3 4.61 16.48 -7.27
CA GLN C 3 4.99 16.05 -5.94
C GLN C 3 3.79 16.16 -5.01
N LEU C 4 3.72 15.26 -4.04
CA LEU C 4 2.65 15.24 -3.03
C LEU C 4 3.27 15.51 -1.67
N VAL C 5 2.78 16.53 -0.99
CA VAL C 5 3.26 16.92 0.33
C VAL C 5 2.12 16.70 1.33
N GLN C 6 2.42 16.06 2.45
CA GLN C 6 1.43 15.72 3.45
C GLN C 6 1.69 16.51 4.74
N SER C 7 0.63 16.62 5.54
CA SER C 7 0.74 17.32 6.81
C SER C 7 1.78 16.63 7.70
N GLY C 8 2.27 17.39 8.68
CA GLY C 8 3.26 16.88 9.59
C GLY C 8 2.67 15.83 10.53
N ALA C 9 3.56 15.27 11.35
CA ALA C 9 3.15 14.25 12.30
C ALA C 9 2.13 14.83 13.29
N GLU C 10 1.10 14.04 13.59
CA GLU C 10 0.04 14.44 14.49
C GLU C 10 -0.02 13.46 15.66
N VAL C 11 0.05 14.00 16.88
CA VAL C 11 -0.06 13.20 18.10
C VAL C 11 -1.32 13.66 18.84
N LYS C 12 -2.25 12.74 19.03
CA LYS C 12 -3.54 13.03 19.64
C LYS C 12 -3.82 12.00 20.73
N LYS C 13 -4.99 12.10 21.35
CA LYS C 13 -5.46 11.16 22.33
C LYS C 13 -6.82 10.61 21.91
N PRO C 14 -7.23 9.47 22.45
CA PRO C 14 -8.52 8.89 22.04
C PRO C 14 -9.67 9.86 22.27
N GLY C 15 -10.72 9.70 21.47
CA GLY C 15 -11.89 10.53 21.59
C GLY C 15 -11.71 11.95 21.08
N GLU C 16 -10.82 12.14 20.11
CA GLU C 16 -10.54 13.45 19.56
C GLU C 16 -10.57 13.38 18.04
N SER C 17 -10.86 14.53 17.42
CA SER C 17 -10.96 14.62 15.97
C SER C 17 -9.61 14.92 15.34
N LEU C 18 -9.48 14.53 14.07
CA LEU C 18 -8.24 14.73 13.34
C LEU C 18 -8.56 14.84 11.86
N LYS C 19 -7.86 15.75 11.18
CA LYS C 19 -8.07 15.98 9.74
C LYS C 19 -6.70 16.25 9.11
N ILE C 20 -6.08 15.20 8.58
CA ILE C 20 -4.81 15.32 7.90
C ILE C 20 -5.05 15.67 6.44
N SER C 21 -4.01 16.18 5.78
CA SER C 21 -4.11 16.65 4.41
C SER C 21 -2.95 16.13 3.58
N CYS C 22 -3.11 16.22 2.26
CA CYS C 22 -2.07 15.82 1.32
C CYS C 22 -2.26 16.64 0.06
N LYS C 23 -1.41 17.65 -0.13
CA LYS C 23 -1.54 18.59 -1.23
C LYS C 23 -0.73 18.12 -2.43
N GLY C 24 -1.35 18.16 -3.60
CA GLY C 24 -0.70 17.77 -4.84
C GLY C 24 -0.54 18.97 -5.76
N SER C 25 0.61 19.04 -6.43
CA SER C 25 0.91 20.14 -7.34
C SER C 25 1.66 19.58 -8.55
N GLY C 26 1.73 20.38 -9.61
CA GLY C 26 2.38 19.98 -10.82
C GLY C 26 1.52 19.18 -11.78
N TYR C 27 0.25 18.99 -11.46
CA TYR C 27 -0.66 18.25 -12.32
C TYR C 27 -2.08 18.74 -12.08
N THR C 28 -2.99 18.31 -12.95
CA THR C 28 -4.40 18.70 -12.85
C THR C 28 -5.04 17.91 -11.71
N PHE C 29 -5.44 18.62 -10.65
CA PHE C 29 -6.06 17.98 -9.49
C PHE C 29 -7.57 17.91 -9.64
N SER C 30 -8.02 17.46 -10.81
CA SER C 30 -9.43 17.22 -11.05
C SER C 30 -9.72 15.93 -11.80
N TYR C 31 -8.71 15.28 -12.38
CA TYR C 31 -8.92 14.11 -13.23
C TYR C 31 -8.16 12.88 -12.73
N TYR C 32 -7.50 12.97 -11.58
CA TYR C 32 -6.76 11.86 -11.01
C TYR C 32 -7.38 11.43 -9.70
N TRP C 33 -7.48 10.12 -9.49
CA TRP C 33 -8.05 9.59 -8.25
C TRP C 33 -7.02 9.70 -7.12
N ILE C 34 -7.44 10.31 -6.02
CA ILE C 34 -6.60 10.47 -4.83
C ILE C 34 -7.17 9.61 -3.72
N GLY C 35 -6.29 8.95 -2.98
CA GLY C 35 -6.72 8.06 -1.92
C GLY C 35 -5.73 8.05 -0.77
N TRP C 36 -6.03 7.23 0.23
CA TRP C 36 -5.21 7.09 1.42
C TRP C 36 -4.97 5.61 1.70
N VAL C 37 -3.81 5.33 2.30
CA VAL C 37 -3.39 3.96 2.61
C VAL C 37 -2.90 3.93 4.04
N ARG C 38 -3.22 2.84 4.75
CA ARG C 38 -2.81 2.64 6.13
C ARG C 38 -1.70 1.59 6.18
N GLN C 39 -0.72 1.83 7.04
CA GLN C 39 0.36 0.87 7.30
C GLN C 39 0.67 0.92 8.79
N MET C 40 0.22 -0.08 9.53
CA MET C 40 0.45 -0.13 10.96
C MET C 40 1.88 -0.57 11.24
N PRO C 41 2.38 -0.29 12.45
CA PRO C 41 3.76 -0.66 12.77
C PRO C 41 4.06 -2.13 12.54
N GLY C 42 4.96 -2.42 11.61
CA GLY C 42 5.36 -3.78 11.30
C GLY C 42 4.39 -4.54 10.43
N LYS C 43 3.24 -3.97 10.10
CA LYS C 43 2.23 -4.64 9.28
C LYS C 43 2.30 -4.12 7.85
N GLY C 44 1.49 -4.73 6.99
CA GLY C 44 1.47 -4.37 5.59
C GLY C 44 0.56 -3.19 5.32
N LEU C 45 0.34 -2.94 4.03
CA LEU C 45 -0.47 -1.81 3.59
C LEU C 45 -1.94 -2.19 3.57
N GLU C 46 -2.79 -1.23 3.94
CA GLU C 46 -4.24 -1.40 3.92
C GLU C 46 -4.84 -0.22 3.16
N TRP C 47 -5.63 -0.52 2.14
CA TRP C 47 -6.26 0.51 1.31
C TRP C 47 -7.59 0.92 1.94
N MET C 48 -7.79 2.23 2.07
CA MET C 48 -8.99 2.77 2.71
C MET C 48 -9.99 3.33 1.71
N GLY C 49 -9.55 4.08 0.71
CA GLY C 49 -10.47 4.59 -0.27
C GLY C 49 -9.80 5.59 -1.20
N ILE C 50 -10.57 6.02 -2.20
CA ILE C 50 -10.13 6.99 -3.19
C ILE C 50 -11.28 7.96 -3.45
N ILE C 51 -10.95 9.06 -4.13
CA ILE C 51 -11.94 10.07 -4.48
C ILE C 51 -11.56 10.70 -5.81
N TYR C 52 -12.54 11.27 -6.49
CA TYR C 52 -12.32 11.98 -7.75
C TYR C 52 -12.49 13.47 -7.49
N PRO C 53 -11.40 14.25 -7.45
CA PRO C 53 -11.55 15.68 -7.10
C PRO C 53 -12.51 16.44 -8.00
N GLY C 54 -12.62 16.07 -9.27
CA GLY C 54 -13.53 16.76 -10.15
C GLY C 54 -14.95 16.80 -9.61
N ASP C 55 -15.58 15.64 -9.53
CA ASP C 55 -16.84 15.47 -8.83
C ASP C 55 -16.61 14.49 -7.69
N SER C 56 -17.03 14.85 -6.49
CA SER C 56 -16.67 14.07 -5.32
C SER C 56 -17.39 12.74 -5.30
N ASP C 57 -16.74 11.71 -5.85
CA ASP C 57 -17.24 10.34 -5.88
C ASP C 57 -16.28 9.50 -5.05
N THR C 58 -16.69 9.15 -3.83
CA THR C 58 -15.83 8.45 -2.90
C THR C 58 -16.05 6.95 -2.99
N ARG C 59 -14.97 6.21 -3.14
CA ARG C 59 -14.99 4.75 -3.13
C ARG C 59 -14.25 4.27 -1.88
N TYR C 60 -15.01 3.80 -0.90
CA TYR C 60 -14.45 3.33 0.36
C TYR C 60 -14.28 1.82 0.33
N SER C 61 -13.25 1.35 1.04
CA SER C 61 -13.10 -0.08 1.24
C SER C 61 -14.15 -0.57 2.25
N PRO C 62 -14.63 -1.80 2.10
CA PRO C 62 -15.66 -2.29 3.03
C PRO C 62 -15.23 -2.24 4.49
N SER C 63 -13.94 -2.22 4.77
CA SER C 63 -13.44 -2.15 6.13
C SER C 63 -13.28 -0.73 6.63
N PHE C 64 -13.60 0.28 5.82
CA PHE C 64 -13.47 1.67 6.21
C PHE C 64 -14.66 2.50 5.74
N GLN C 65 -15.85 1.90 5.67
CA GLN C 65 -17.02 2.61 5.16
C GLN C 65 -17.34 3.82 6.03
N GLY C 66 -17.69 3.58 7.29
CA GLY C 66 -18.11 4.65 8.17
C GLY C 66 -17.09 5.00 9.23
N GLN C 67 -15.96 4.30 9.22
CA GLN C 67 -14.91 4.57 10.19
C GLN C 67 -14.08 5.79 9.84
N VAL C 68 -14.18 6.28 8.61
CA VAL C 68 -13.38 7.42 8.16
C VAL C 68 -14.04 8.00 6.91
N THR C 69 -13.82 9.30 6.71
CA THR C 69 -14.35 10.00 5.53
C THR C 69 -13.20 10.64 4.77
N ILE C 70 -13.37 10.72 3.45
CA ILE C 70 -12.36 11.30 2.57
C ILE C 70 -13.03 12.42 1.78
N SER C 71 -12.31 13.53 1.64
CA SER C 71 -12.84 14.70 0.94
C SER C 71 -11.68 15.40 0.22
N ALA C 72 -12.04 16.38 -0.61
CA ALA C 72 -11.05 17.13 -1.36
C ALA C 72 -11.56 18.54 -1.59
N ASP C 73 -10.64 19.49 -1.61
CA ASP C 73 -10.93 20.88 -1.92
C ASP C 73 -10.28 21.18 -3.27
N LYS C 74 -11.08 21.04 -4.33
CA LYS C 74 -10.55 21.19 -5.68
C LYS C 74 -9.97 22.58 -5.92
N SER C 75 -10.43 23.58 -5.17
CA SER C 75 -9.97 24.94 -5.40
C SER C 75 -8.51 25.13 -5.01
N ILE C 76 -8.06 24.45 -3.94
CA ILE C 76 -6.69 24.59 -3.46
C ILE C 76 -5.87 23.34 -3.74
N SER C 77 -6.43 22.36 -4.45
CA SER C 77 -5.72 21.15 -4.85
C SER C 77 -5.17 20.42 -3.62
N THR C 78 -6.08 20.04 -2.72
CA THR C 78 -5.71 19.35 -1.49
C THR C 78 -6.76 18.28 -1.17
N ALA C 79 -6.30 17.15 -0.66
CA ALA C 79 -7.17 16.07 -0.24
C ALA C 79 -7.03 15.88 1.27
N TYR C 80 -8.13 15.47 1.90
CA TYR C 80 -8.19 15.38 3.36
C TYR C 80 -8.61 13.98 3.79
N LEU C 81 -8.37 13.69 5.07
CA LEU C 81 -8.81 12.44 5.70
C LEU C 81 -9.26 12.79 7.11
N HIS C 82 -10.55 12.66 7.37
CA HIS C 82 -11.15 13.12 8.61
C HIS C 82 -11.49 11.95 9.52
N TRP C 83 -11.14 12.06 10.80
CA TRP C 83 -11.47 11.07 11.80
C TRP C 83 -12.39 11.68 12.85
N SER C 84 -13.18 10.82 13.49
CA SER C 84 -14.05 11.21 14.58
C SER C 84 -14.00 10.11 15.65
N SER C 85 -13.70 10.52 16.88
CA SER C 85 -13.56 9.59 18.00
C SER C 85 -12.47 8.56 17.71
N LEU C 86 -11.25 9.05 17.60
CA LEU C 86 -10.09 8.21 17.33
C LEU C 86 -9.97 7.07 18.33
N LYS C 87 -9.27 6.01 17.96
CA LYS C 87 -9.04 4.86 18.81
C LYS C 87 -7.55 4.55 18.89
N ALA C 88 -7.16 3.81 19.93
CA ALA C 88 -5.77 3.41 20.09
C ALA C 88 -5.27 2.60 18.90
N SER C 89 -6.16 1.94 18.17
CA SER C 89 -5.77 1.12 17.04
C SER C 89 -5.50 1.92 15.77
N ASP C 90 -5.86 3.20 15.75
CA ASP C 90 -5.65 4.02 14.57
C ASP C 90 -4.23 4.52 14.42
N THR C 91 -3.37 4.30 15.41
CA THR C 91 -1.98 4.74 15.32
C THR C 91 -1.27 3.97 14.20
N ALA C 92 -0.80 4.71 13.19
CA ALA C 92 -0.12 4.11 12.05
C ALA C 92 0.37 5.16 11.08
N MET C 93 1.10 4.73 10.05
CA MET C 93 1.56 5.62 8.99
C MET C 93 0.51 5.66 7.89
N TYR C 94 0.12 6.87 7.49
CA TYR C 94 -0.92 7.08 6.49
C TYR C 94 -0.31 7.80 5.29
N TYR C 95 -0.38 7.16 4.13
CA TYR C 95 0.14 7.71 2.88
C TYR C 95 -1.02 8.17 1.99
N CYS C 96 -0.70 9.02 1.04
CA CYS C 96 -1.61 9.39 -0.04
C CYS C 96 -0.99 9.00 -1.38
N ALA C 97 -1.84 8.55 -2.30
CA ALA C 97 -1.37 8.09 -3.59
C ALA C 97 -2.35 8.55 -4.67
N ARG C 98 -1.87 8.54 -5.91
CA ARG C 98 -2.67 8.93 -7.06
C ARG C 98 -2.28 8.08 -8.25
N GLN C 99 -3.20 7.95 -9.19
CA GLN C 99 -2.93 7.20 -10.40
C GLN C 99 -2.00 7.99 -11.31
N GLY C 100 -1.16 7.25 -12.05
CA GLY C 100 -0.24 7.88 -12.97
C GLY C 100 -0.79 7.94 -14.38
N ASP C 101 -0.02 8.59 -15.25
CA ASP C 101 -0.42 8.71 -16.65
C ASP C 101 -0.58 7.35 -17.31
N LEU C 102 0.02 6.31 -16.76
CA LEU C 102 -0.08 4.96 -17.30
C LEU C 102 -0.80 4.06 -16.31
N GLY C 103 -1.24 2.91 -16.81
CA GLY C 103 -1.94 1.94 -15.99
C GLY C 103 -3.42 2.23 -15.89
N ASP C 104 -4.06 1.51 -14.96
CA ASP C 104 -5.48 1.66 -14.72
C ASP C 104 -5.73 2.86 -13.80
N TRP C 105 -6.96 2.98 -13.30
CA TRP C 105 -7.36 4.16 -12.53
C TRP C 105 -7.17 3.99 -11.03
N ILE C 106 -6.86 2.78 -10.55
CA ILE C 106 -6.57 2.57 -9.13
C ILE C 106 -5.19 1.94 -8.98
N LEU C 107 -4.28 2.25 -9.90
CA LEU C 107 -2.95 1.67 -9.85
C LEU C 107 -2.07 2.32 -8.78
N LEU C 108 -2.29 3.59 -8.48
CA LEU C 108 -1.54 4.29 -7.45
C LEU C 108 -0.03 4.28 -7.76
N GLY C 109 0.32 4.95 -8.86
CA GLY C 109 1.71 4.99 -9.27
C GLY C 109 2.54 5.99 -8.50
N TYR C 110 1.93 7.07 -8.01
CA TYR C 110 2.63 8.12 -7.28
C TYR C 110 2.18 8.11 -5.82
N TRP C 111 3.13 8.31 -4.92
CA TRP C 111 2.88 8.26 -3.49
C TRP C 111 3.39 9.53 -2.83
N GLY C 112 3.13 9.64 -1.53
CA GLY C 112 3.55 10.79 -0.75
C GLY C 112 4.64 10.46 0.24
N GLN C 113 5.01 11.48 1.03
CA GLN C 113 6.05 11.31 2.03
C GLN C 113 5.61 10.44 3.19
N GLY C 114 4.30 10.39 3.46
CA GLY C 114 3.78 9.62 4.56
C GLY C 114 3.54 10.45 5.80
N THR C 115 2.36 10.28 6.40
CA THR C 115 1.98 11.01 7.61
C THR C 115 1.88 10.03 8.78
N LEU C 116 2.60 10.32 9.86
CA LEU C 116 2.63 9.48 11.04
C LEU C 116 1.59 9.98 12.04
N VAL C 117 0.65 9.12 12.40
CA VAL C 117 -0.40 9.44 13.36
C VAL C 117 -0.24 8.50 14.55
N THR C 118 -0.07 9.08 15.73
CA THR C 118 0.08 8.31 16.97
C THR C 118 -0.92 8.82 17.98
N VAL C 119 -1.65 7.89 18.61
CA VAL C 119 -2.66 8.23 19.61
C VAL C 119 -2.42 7.34 20.82
N SER C 120 -2.25 7.96 21.98
CA SER C 120 -2.02 7.24 23.22
C SER C 120 -2.57 8.06 24.37
N SER C 121 -3.18 7.38 25.35
CA SER C 121 -3.80 8.08 26.46
C SER C 121 -2.79 8.86 27.30
N ALA C 122 -1.50 8.59 27.13
CA ALA C 122 -0.49 9.29 27.91
C ALA C 122 -0.43 10.76 27.51
N SER C 123 -0.12 11.60 28.48
CA SER C 123 -0.01 13.04 28.28
C SER C 123 1.45 13.44 28.12
N THR C 124 1.66 14.69 27.71
CA THR C 124 3.01 15.21 27.57
C THR C 124 3.73 15.15 28.91
N LYS C 125 5.03 14.88 28.85
CA LYS C 125 5.83 14.75 30.08
C LYS C 125 7.29 14.95 29.71
N GLY C 126 7.94 15.93 30.34
CA GLY C 126 9.32 16.21 30.07
C GLY C 126 10.23 15.11 30.59
N PRO C 127 11.37 14.90 29.92
CA PRO C 127 12.27 13.84 30.35
C PRO C 127 13.08 14.21 31.58
N SER C 128 13.46 13.18 32.32
CA SER C 128 14.35 13.31 33.48
C SER C 128 15.67 12.66 33.12
N VAL C 129 16.71 13.48 32.95
CA VAL C 129 18.00 13.00 32.47
C VAL C 129 18.83 12.56 33.66
N PHE C 130 19.49 11.40 33.52
CA PHE C 130 20.39 10.89 34.53
C PHE C 130 21.71 10.50 33.87
N PRO C 131 22.84 10.73 34.54
CA PRO C 131 24.13 10.44 33.92
C PRO C 131 24.57 8.99 34.09
N LEU C 132 24.83 8.30 32.97
CA LEU C 132 25.40 6.96 33.02
C LEU C 132 26.92 7.10 33.13
N ALA C 133 27.42 7.30 34.35
CA ALA C 133 28.87 7.45 34.56
C ALA C 133 29.68 6.24 34.08
N PRO C 134 30.94 6.44 33.63
CA PRO C 134 31.72 5.26 33.25
C PRO C 134 32.02 4.40 34.47
N SER C 135 31.98 3.07 34.35
CA SER C 135 32.15 2.20 35.52
C SER C 135 33.38 2.56 36.33
N SER C 136 33.19 2.93 37.59
CA SER C 136 34.32 3.20 38.46
C SER C 136 35.09 1.92 38.74
N LYS C 137 34.39 0.78 38.70
CA LYS C 137 35.01 -0.50 39.01
C LYS C 137 35.89 -0.97 37.87
N SER C 138 35.49 -0.64 36.63
CA SER C 138 36.25 -1.05 35.45
C SER C 138 36.12 0.00 34.37
N THR C 139 36.99 1.01 34.41
CA THR C 139 36.92 2.07 33.40
C THR C 139 37.59 1.66 32.10
N SER C 140 38.14 0.47 32.05
CA SER C 140 38.74 -0.03 30.82
C SER C 140 37.81 -1.08 30.23
N GLY C 141 38.36 -2.19 29.76
CA GLY C 141 37.55 -3.23 29.14
C GLY C 141 37.02 -2.70 27.83
N GLY C 142 35.77 -2.23 27.81
CA GLY C 142 35.23 -1.60 26.61
C GLY C 142 35.46 -0.12 26.75
N THR C 143 36.68 0.31 27.12
CA THR C 143 37.03 1.72 27.32
C THR C 143 36.13 2.50 28.30
N ALA C 144 36.24 3.82 28.27
CA ALA C 144 35.42 4.63 29.15
C ALA C 144 34.13 5.01 28.45
N ALA C 145 33.08 4.23 28.70
CA ALA C 145 31.80 4.53 28.08
C ALA C 145 31.03 5.52 28.93
N LEU C 146 30.93 6.77 28.47
CA LEU C 146 30.16 7.77 29.20
C LEU C 146 28.85 7.89 28.47
N GLY C 147 27.75 8.04 29.21
CA GLY C 147 26.45 8.17 28.59
C GLY C 147 25.47 8.87 29.52
N CYS C 148 24.31 9.19 28.95
CA CYS C 148 23.21 9.79 29.70
C CYS C 148 21.95 8.99 29.44
N LEU C 149 21.09 8.94 30.46
CA LEU C 149 19.85 8.18 30.41
C LEU C 149 18.67 9.15 30.36
N VAL C 150 17.90 9.08 29.27
CA VAL C 150 16.68 9.86 29.11
C VAL C 150 15.51 8.98 29.49
N LYS C 151 14.60 9.50 30.30
CA LYS C 151 13.55 8.70 30.90
C LYS C 151 12.25 9.50 30.99
N ASP C 152 11.13 8.77 30.84
CA ASP C 152 9.79 9.32 31.09
C ASP C 152 9.51 10.54 30.20
N TYR C 153 9.42 10.26 28.90
CA TYR C 153 8.96 11.26 27.93
C TYR C 153 8.06 10.56 26.93
N PHE C 154 6.82 11.06 26.79
CA PHE C 154 5.84 10.42 25.93
C PHE C 154 6.10 10.72 24.45
N PRO C 155 6.23 11.98 24.06
CA PRO C 155 6.52 12.27 22.63
C PRO C 155 7.90 11.74 22.26
N GLU C 156 7.91 10.77 21.34
CA GLU C 156 9.16 10.09 21.00
C GLU C 156 10.24 11.04 20.48
N PRO C 157 9.94 12.04 19.64
CA PRO C 157 11.02 12.86 19.09
C PRO C 157 11.87 13.51 20.16
N VAL C 158 13.14 13.09 20.24
CA VAL C 158 14.09 13.65 21.20
C VAL C 158 15.48 13.57 20.58
N THR C 159 16.23 14.66 20.69
CA THR C 159 17.57 14.74 20.13
C THR C 159 18.57 14.94 21.27
N VAL C 160 19.62 14.13 21.28
CA VAL C 160 20.66 14.18 22.30
C VAL C 160 21.98 14.50 21.61
N SER C 161 22.63 15.55 22.08
CA SER C 161 23.93 15.96 21.55
C SER C 161 24.93 16.07 22.70
N TRP C 162 26.21 16.09 22.35
CA TRP C 162 27.29 16.14 23.32
C TRP C 162 28.17 17.35 23.01
N ASN C 163 28.34 18.22 24.00
CA ASN C 163 29.20 19.40 23.87
C ASN C 163 28.76 20.27 22.69
N SER C 164 27.53 20.79 22.80
CA SER C 164 26.93 21.68 21.83
C SER C 164 26.93 21.10 20.41
N GLY C 165 27.03 19.78 20.27
CA GLY C 165 27.07 19.15 18.97
C GLY C 165 28.41 18.54 18.60
N ALA C 166 29.43 18.64 19.45
CA ALA C 166 30.73 18.07 19.16
C ALA C 166 30.76 16.61 19.57
N LEU C 167 31.95 16.01 19.56
CA LEU C 167 32.14 14.61 19.96
C LEU C 167 31.34 13.66 19.07
N THR C 168 31.14 14.03 17.80
CA THR C 168 30.35 13.19 16.91
C THR C 168 30.95 11.79 16.80
N SER C 169 32.24 11.64 17.04
CA SER C 169 32.88 10.34 16.99
C SER C 169 32.60 9.57 18.27
N GLY C 170 32.40 8.26 18.13
CA GLY C 170 32.10 7.40 19.25
C GLY C 170 30.69 7.50 19.79
N VAL C 171 29.92 8.50 19.38
CA VAL C 171 28.56 8.68 19.87
C VAL C 171 27.65 7.67 19.19
N HIS C 172 26.74 7.10 19.97
CA HIS C 172 25.73 6.19 19.43
C HIS C 172 24.48 6.31 20.30
N THR C 173 23.36 6.69 19.68
CA THR C 173 22.09 6.84 20.37
C THR C 173 21.19 5.66 20.01
N PHE C 174 20.61 5.05 21.02
CA PHE C 174 19.78 3.87 20.82
C PHE C 174 18.30 4.24 20.76
N PRO C 175 17.52 3.69 19.84
CA PRO C 175 16.10 4.01 19.79
C PRO C 175 15.41 3.72 21.12
N ALA C 176 14.36 4.49 21.40
CA ALA C 176 13.67 4.40 22.67
C ALA C 176 12.79 3.15 22.72
N VAL C 177 12.38 2.81 23.94
CA VAL C 177 11.50 1.68 24.21
C VAL C 177 10.20 2.22 24.77
N LEU C 178 9.08 1.71 24.28
CA LEU C 178 7.76 2.14 24.70
C LEU C 178 7.36 1.34 25.94
N GLN C 179 7.55 1.94 27.11
CA GLN C 179 7.22 1.27 28.36
C GLN C 179 5.72 1.03 28.44
N SER C 180 5.33 0.18 29.40
CA SER C 180 3.92 -0.13 29.57
C SER C 180 3.10 1.11 29.90
N SER C 181 3.70 2.08 30.58
CA SER C 181 3.01 3.31 30.95
C SER C 181 2.83 4.28 29.78
N GLY C 182 3.32 3.93 28.60
CA GLY C 182 3.20 4.79 27.44
C GLY C 182 4.30 5.82 27.30
N LEU C 183 5.23 5.89 28.24
CA LEU C 183 6.33 6.85 28.19
C LEU C 183 7.57 6.18 27.66
N TYR C 184 8.30 6.91 26.81
CA TYR C 184 9.51 6.38 26.19
C TYR C 184 10.72 6.63 27.06
N SER C 185 11.82 5.97 26.69
CA SER C 185 13.09 6.13 27.39
C SER C 185 14.21 5.58 26.52
N LEU C 186 15.24 6.37 26.29
CA LEU C 186 16.37 5.96 25.47
C LEU C 186 17.66 6.31 26.20
N SER C 187 18.79 5.95 25.59
CA SER C 187 20.10 6.19 26.17
C SER C 187 21.07 6.58 25.06
N SER C 188 22.04 7.42 25.42
CA SER C 188 23.09 7.84 24.51
C SER C 188 24.43 7.66 25.20
N VAL C 189 25.38 7.02 24.51
CA VAL C 189 26.68 6.71 25.06
C VAL C 189 27.76 7.21 24.11
N VAL C 190 28.98 7.32 24.62
CA VAL C 190 30.14 7.73 23.84
C VAL C 190 31.36 7.06 24.44
N THR C 191 32.11 6.36 23.59
CA THR C 191 33.30 5.64 24.03
C THR C 191 34.54 6.50 23.83
N VAL C 192 35.35 6.63 24.88
CA VAL C 192 36.58 7.41 24.83
C VAL C 192 37.66 6.64 25.57
N PRO C 193 38.94 7.01 25.42
CA PRO C 193 40.00 6.27 26.11
C PRO C 193 39.80 6.25 27.62
N SER C 194 40.25 5.17 28.25
CA SER C 194 40.09 5.03 29.69
C SER C 194 40.79 6.15 30.44
N SER C 195 41.91 6.64 29.91
CA SER C 195 42.66 7.71 30.55
C SER C 195 42.14 9.10 30.19
N SER C 196 41.14 9.19 29.32
CA SER C 196 40.61 10.47 28.87
C SER C 196 39.42 10.95 29.70
N LEU C 197 39.25 10.42 30.92
CA LEU C 197 38.12 10.79 31.74
C LEU C 197 38.05 12.30 31.93
N GLY C 198 36.90 12.88 31.61
CA GLY C 198 36.72 14.31 31.68
C GLY C 198 37.72 15.06 30.82
N THR C 199 37.71 14.78 29.52
CA THR C 199 38.66 15.41 28.62
C THR C 199 38.46 16.92 28.60
N GLN C 200 37.34 17.38 28.06
CA GLN C 200 36.98 18.78 28.22
C GLN C 200 35.96 18.94 29.33
N THR C 201 34.75 18.44 29.12
CA THR C 201 33.77 18.28 30.18
C THR C 201 32.96 16.99 30.10
N TYR C 202 32.81 16.39 28.93
CA TYR C 202 31.93 15.24 28.74
C TYR C 202 30.53 15.53 29.30
N ILE C 203 29.87 16.51 28.69
CA ILE C 203 28.56 16.97 29.12
C ILE C 203 27.52 16.55 28.09
N CYS C 204 26.31 16.32 28.58
CA CYS C 204 25.18 15.92 27.73
C CYS C 204 24.31 17.12 27.40
N ASN C 205 23.63 17.04 26.26
CA ASN C 205 22.69 18.07 25.83
C ASN C 205 21.42 17.38 25.36
N VAL C 206 20.31 17.67 26.03
CA VAL C 206 19.02 17.04 25.75
C VAL C 206 18.02 18.12 25.39
N ASN C 207 17.24 17.87 24.33
CA ASN C 207 16.24 18.80 23.86
C ASN C 207 14.92 18.05 23.65
N HIS C 208 13.82 18.67 24.10
CA HIS C 208 12.49 18.10 23.97
C HIS C 208 11.55 19.23 23.59
N LYS C 209 11.31 19.40 22.29
CA LYS C 209 10.47 20.50 21.83
C LYS C 209 9.04 20.40 22.33
N PRO C 210 8.37 19.24 22.30
CA PRO C 210 6.98 19.20 22.78
C PRO C 210 6.81 19.70 24.20
N SER C 211 7.88 19.76 24.99
CA SER C 211 7.83 20.32 26.33
C SER C 211 8.76 21.51 26.52
N ASN C 212 9.62 21.81 25.55
CA ASN C 212 10.53 22.94 25.60
C ASN C 212 11.51 22.84 26.76
N THR C 213 11.93 21.62 27.10
CA THR C 213 12.86 21.39 28.19
C THR C 213 14.27 21.29 27.63
N LYS C 214 15.13 22.22 28.03
CA LYS C 214 16.55 22.18 27.69
C LYS C 214 17.32 21.71 28.93
N VAL C 215 17.85 20.50 28.88
CA VAL C 215 18.53 19.88 30.02
C VAL C 215 19.97 19.61 29.63
N ASP C 216 20.90 20.01 30.50
CA ASP C 216 22.32 19.77 30.31
C ASP C 216 22.89 19.25 31.62
N LYS C 217 23.61 18.12 31.55
CA LYS C 217 24.16 17.49 32.74
C LYS C 217 25.47 16.83 32.38
N LYS C 218 26.52 17.11 33.16
CA LYS C 218 27.82 16.51 32.95
C LYS C 218 28.00 15.29 33.85
N VAL C 219 29.16 14.67 33.77
CA VAL C 219 29.46 13.48 34.55
C VAL C 219 30.94 13.15 34.46
#